data_4FSO
#
_entry.id   4FSO
#
_cell.length_a   116.872
_cell.length_b   87.081
_cell.length_c   98.177
_cell.angle_alpha   90.00
_cell.angle_beta   98.21
_cell.angle_gamma   90.00
#
_symmetry.space_group_name_H-M   'C 1 2 1'
#
loop_
_entity.id
_entity.type
_entity.pdbx_description
1 polymer 'Probable porin'
2 non-polymer 'CALCIUM ION'
3 non-polymer (HYDROXYETHYLOXY)TRI(ETHYLOXY)OCTANE
4 water water
#
_entity_poly.entity_id   1
_entity_poly.type   'polypeptide(L)'
_entity_poly.pdbx_seq_one_letter_code
;HHHHHHAFLEDGSARLEARTVYFNRDFRDGSSANPQGASKREEAAQGFILDLRSGYTEGALGFGVDTLAMLGIKLDSSPA
DSNSGLLPSSGHDPRRSVDQYAKAGVAGKMRFSQTQFRYGAMLPDMPLLKYNDGRLLPTLFHGAQLTSEEIAGLRFSATR
LERYTARDSSDAQDIRLHCKNKRYACDTTGNRFDAYQLDYQVNDGLLLQYAQGGLRNVYRQRYLGAVGKRQVGAGKLSAD
LRWFDSEDAGAARAGKIDNRALSLLLAYAQGGHTLSAGWQRMNGASSMPYLDGSNPYLANYLQVNDFANPEERSWQLRYD
FDLRSVGVPGLSFMTRYVNGDHIRLANGDEGKEWERDIELKYIVQSGRFKDLSLRLRNATYRTDFERSARDVDEVRLIAS
YNLSLF
;
_entity_poly.pdbx_strand_id   A,B
#
# COMPACT_ATOMS: atom_id res chain seq x y z
N GLU A 10 -28.63 -28.84 15.21
CA GLU A 10 -27.50 -29.76 15.25
C GLU A 10 -27.82 -31.01 16.10
N ASP A 11 -26.84 -31.93 16.20
CA ASP A 11 -26.90 -33.02 17.17
C ASP A 11 -25.81 -32.78 18.21
N GLY A 12 -25.67 -31.50 18.56
CA GLY A 12 -24.78 -31.06 19.61
C GLY A 12 -23.39 -30.63 19.20
N SER A 13 -22.67 -30.04 20.16
CA SER A 13 -21.26 -29.71 20.05
C SER A 13 -20.76 -29.32 21.46
N ALA A 14 -19.47 -29.54 21.74
CA ALA A 14 -18.89 -29.14 23.02
C ALA A 14 -17.44 -28.71 22.81
N ARG A 15 -17.11 -27.55 23.33
CA ARG A 15 -15.94 -26.85 22.84
C ARG A 15 -15.26 -26.10 23.98
N LEU A 16 -14.24 -26.70 24.56
CA LEU A 16 -13.45 -26.01 25.56
C LEU A 16 -12.27 -25.29 24.92
N GLU A 17 -12.25 -23.97 25.05
CA GLU A 17 -11.25 -23.19 24.37
C GLU A 17 -10.33 -22.50 25.37
N ALA A 18 -9.02 -22.66 25.16
CA ALA A 18 -8.01 -22.00 25.97
C ALA A 18 -7.37 -20.89 25.13
N ARG A 19 -7.32 -19.68 25.65
CA ARG A 19 -6.91 -18.54 24.85
C ARG A 19 -5.85 -17.75 25.60
N THR A 20 -4.68 -17.65 24.98
CA THR A 20 -3.61 -16.85 25.54
C THR A 20 -3.38 -15.62 24.70
N VAL A 21 -3.40 -14.46 25.36
CA VAL A 21 -3.32 -13.21 24.62
C VAL A 21 -2.41 -12.16 25.25
N TYR A 22 -1.42 -11.74 24.49
CA TYR A 22 -0.61 -10.61 24.90
C TYR A 22 -0.94 -9.45 23.98
N PHE A 23 -1.02 -8.27 24.57
CA PHE A 23 -1.54 -7.09 23.89
C PHE A 23 -0.69 -5.89 24.27
N ASN A 24 -0.11 -5.26 23.26
CA ASN A 24 0.76 -4.10 23.48
C ASN A 24 0.27 -2.92 22.68
N ARG A 25 0.20 -1.75 23.31
CA ARG A 25 -0.22 -0.52 22.64
C ARG A 25 0.80 0.60 22.82
N ASP A 26 1.19 1.26 21.73
CA ASP A 26 2.12 2.39 21.79
C ASP A 26 1.47 3.71 21.36
N PHE A 27 1.57 4.72 22.23
CA PHE A 27 0.93 6.03 21.98
C PHE A 27 1.95 7.12 21.65
N LYS A 40 4.71 1.35 26.13
CA LYS A 40 3.73 2.17 26.85
C LYS A 40 2.80 1.31 27.73
N ARG A 41 1.62 0.98 27.22
CA ARG A 41 0.63 0.19 27.96
C ARG A 41 0.50 -1.22 27.38
N GLU A 42 0.73 -2.22 28.21
CA GLU A 42 0.63 -3.61 27.75
C GLU A 42 -0.08 -4.54 28.74
N GLU A 43 -0.69 -5.59 28.23
CA GLU A 43 -1.41 -6.55 29.07
C GLU A 43 -1.18 -7.99 28.61
N ALA A 44 -1.20 -8.93 29.56
CA ALA A 44 -1.20 -10.36 29.24
C ALA A 44 -2.41 -11.07 29.88
N ALA A 45 -3.00 -12.04 29.18
CA ALA A 45 -4.25 -12.63 29.66
C ALA A 45 -4.43 -14.10 29.29
N GLN A 46 -4.99 -14.89 30.21
CA GLN A 46 -5.34 -16.28 29.91
C GLN A 46 -6.83 -16.50 30.10
N GLY A 47 -7.48 -17.09 29.10
CA GLY A 47 -8.92 -17.24 29.14
C GLY A 47 -9.39 -18.64 28.84
N PHE A 48 -10.59 -18.96 29.33
CA PHE A 48 -11.21 -20.25 29.06
C PHE A 48 -12.66 -20.08 28.65
N ILE A 49 -12.99 -20.58 27.47
CA ILE A 49 -14.36 -20.47 27.02
C ILE A 49 -14.98 -21.82 26.91
N LEU A 50 -16.03 -22.03 27.68
CA LEU A 50 -16.77 -23.28 27.66
C LEU A 50 -18.05 -23.07 26.87
N ASP A 51 -18.24 -23.88 25.85
CA ASP A 51 -19.41 -23.77 24.99
C ASP A 51 -20.02 -25.13 24.79
N LEU A 52 -21.22 -25.32 25.31
CA LEU A 52 -21.88 -26.62 25.21
C LEU A 52 -23.21 -26.43 24.59
N ARG A 53 -23.42 -27.11 23.47
CA ARG A 53 -24.73 -27.12 22.87
C ARG A 53 -25.22 -28.55 22.86
N SER A 54 -26.32 -28.82 23.57
CA SER A 54 -26.87 -30.17 23.56
C SER A 54 -27.51 -30.51 22.21
N GLY A 55 -27.88 -31.76 22.04
CA GLY A 55 -28.79 -32.11 20.99
C GLY A 55 -30.24 -31.82 21.40
N TYR A 56 -31.17 -32.19 20.54
CA TYR A 56 -32.55 -32.05 20.91
C TYR A 56 -33.08 -33.41 21.37
N THR A 57 -33.87 -33.41 22.43
CA THR A 57 -34.63 -34.59 22.80
C THR A 57 -35.47 -35.06 21.62
N GLU A 58 -35.80 -36.34 21.63
CA GLU A 58 -36.51 -36.96 20.51
C GLU A 58 -37.99 -36.71 20.58
N GLY A 59 -38.65 -36.79 19.43
CA GLY A 59 -40.04 -36.37 19.34
C GLY A 59 -40.16 -35.17 18.42
N ALA A 60 -41.39 -34.83 18.06
CA ALA A 60 -41.61 -33.84 17.02
C ALA A 60 -41.11 -32.48 17.46
N LEU A 61 -41.46 -32.13 18.70
CA LEU A 61 -40.93 -30.93 19.35
C LEU A 61 -39.76 -31.39 20.22
N GLY A 62 -38.57 -30.88 19.94
CA GLY A 62 -37.40 -31.26 20.69
C GLY A 62 -36.96 -30.19 21.66
N PHE A 63 -36.22 -30.63 22.68
CA PHE A 63 -35.72 -29.69 23.67
C PHE A 63 -34.27 -29.97 23.88
N GLY A 64 -33.54 -28.94 24.31
CA GLY A 64 -32.14 -29.09 24.57
C GLY A 64 -31.63 -27.89 25.33
N VAL A 65 -30.32 -27.85 25.55
CA VAL A 65 -29.75 -26.80 26.35
C VAL A 65 -28.38 -26.35 25.88
N ASP A 66 -28.14 -25.07 26.07
CA ASP A 66 -26.91 -24.41 25.66
C ASP A 66 -26.35 -23.67 26.85
N THR A 67 -25.05 -23.75 27.00
CA THR A 67 -24.44 -23.24 28.20
C THR A 67 -23.12 -22.62 27.88
N LEU A 68 -22.93 -21.42 28.40
CA LEU A 68 -21.64 -20.77 28.26
C LEU A 68 -21.02 -20.50 29.61
N ALA A 69 -19.73 -20.78 29.71
CA ALA A 69 -19.00 -20.51 30.92
C ALA A 69 -17.68 -19.91 30.51
N MET A 70 -17.29 -18.82 31.17
CA MET A 70 -16.02 -18.19 30.85
C MET A 70 -15.25 -17.82 32.10
N LEU A 71 -13.92 -17.81 31.95
CA LEU A 71 -13.03 -17.61 33.07
C LEU A 71 -11.76 -16.90 32.59
N GLY A 72 -11.50 -15.72 33.14
CA GLY A 72 -10.39 -14.90 32.66
C GLY A 72 -9.48 -14.36 33.74
N ILE A 73 -8.26 -13.99 33.34
CA ILE A 73 -7.34 -13.31 34.25
C ILE A 73 -6.28 -12.50 33.50
N GLN A 100 -9.53 -11.03 37.51
CA GLN A 100 -10.33 -12.25 37.54
C GLN A 100 -11.75 -12.05 37.03
N TYR A 101 -12.03 -12.58 35.84
CA TYR A 101 -13.37 -12.56 35.28
C TYR A 101 -13.94 -13.96 35.40
N ALA A 102 -15.17 -14.06 35.85
CA ALA A 102 -15.88 -15.33 35.85
C ALA A 102 -17.32 -15.08 35.44
N LYS A 103 -17.76 -15.79 34.41
CA LYS A 103 -19.12 -15.63 33.91
C LYS A 103 -19.68 -16.92 33.30
N ALA A 104 -21.01 -17.01 33.36
CA ALA A 104 -21.71 -18.26 33.08
C ALA A 104 -23.08 -18.01 32.52
N GLY A 105 -23.42 -18.73 31.46
CA GLY A 105 -24.73 -18.59 30.90
C GLY A 105 -25.41 -19.89 30.56
N VAL A 106 -26.74 -19.85 30.60
CA VAL A 106 -27.57 -20.94 30.17
C VAL A 106 -28.62 -20.43 29.18
N ALA A 107 -28.90 -21.22 28.15
CA ALA A 107 -30.07 -20.98 27.32
C ALA A 107 -30.81 -22.27 27.05
N GLY A 108 -32.14 -22.20 27.08
CA GLY A 108 -32.97 -23.29 26.65
C GLY A 108 -33.34 -23.12 25.18
N LYS A 109 -33.49 -24.24 24.47
CA LYS A 109 -33.90 -24.20 23.08
C LYS A 109 -35.00 -25.20 22.79
N MET A 110 -35.91 -24.83 21.87
CA MET A 110 -36.85 -25.79 21.30
C MET A 110 -36.69 -25.82 19.79
N ARG A 111 -37.23 -26.86 19.18
CA ARG A 111 -37.14 -27.04 17.75
C ARG A 111 -38.34 -27.86 17.28
N PHE A 112 -38.92 -27.42 16.17
CA PHE A 112 -39.89 -28.20 15.43
C PHE A 112 -39.67 -27.89 13.96
N SER A 113 -39.79 -28.92 13.13
CA SER A 113 -39.54 -28.79 11.69
C SER A 113 -38.21 -28.06 11.40
N GLN A 114 -38.29 -26.92 10.74
CA GLN A 114 -37.09 -26.13 10.46
C GLN A 114 -37.12 -24.82 11.24
N THR A 115 -37.72 -24.86 12.42
CA THR A 115 -37.91 -23.68 13.22
C THR A 115 -37.35 -23.93 14.63
N GLN A 116 -36.65 -22.94 15.19
CA GLN A 116 -36.07 -23.10 16.50
C GLN A 116 -36.13 -21.83 17.35
N PHE A 117 -36.32 -22.00 18.66
CA PHE A 117 -36.43 -20.89 19.58
C PHE A 117 -35.39 -21.09 20.66
N ARG A 118 -34.84 -20.00 21.18
CA ARG A 118 -33.90 -20.08 22.27
C ARG A 118 -34.21 -18.95 23.22
N TYR A 119 -33.97 -19.19 24.50
CA TYR A 119 -34.14 -18.17 25.51
C TYR A 119 -32.99 -18.36 26.48
N GLY A 120 -32.34 -17.26 26.87
CA GLY A 120 -31.22 -17.29 27.79
C GLY A 120 -29.97 -16.58 27.30
N ALA A 121 -28.81 -17.14 27.62
CA ALA A 121 -27.53 -16.54 27.30
C ALA A 121 -27.15 -16.75 25.81
N MET A 122 -26.49 -15.77 25.21
CA MET A 122 -26.39 -15.72 23.76
C MET A 122 -25.16 -14.95 23.21
N LEU A 123 -24.54 -15.53 22.18
CA LEU A 123 -23.58 -14.83 21.34
C LEU A 123 -24.17 -14.51 19.95
N PRO A 124 -24.82 -13.34 19.81
CA PRO A 124 -25.42 -13.03 18.51
C PRO A 124 -24.35 -12.76 17.44
N ASP A 125 -24.57 -13.25 16.23
CA ASP A 125 -23.72 -12.93 15.10
C ASP A 125 -24.56 -12.63 13.88
N MET A 126 -24.75 -11.35 13.59
CA MET A 126 -25.68 -10.91 12.54
C MET A 126 -25.41 -9.43 12.18
N PRO A 127 -25.85 -8.97 11.00
CA PRO A 127 -25.54 -7.59 10.54
C PRO A 127 -25.81 -6.44 11.53
N LEU A 128 -26.89 -6.53 12.31
CA LEU A 128 -27.21 -5.48 13.26
C LEU A 128 -26.40 -5.64 14.58
N LEU A 129 -25.87 -6.84 14.80
CA LEU A 129 -25.02 -7.13 15.97
C LEU A 129 -23.99 -8.25 15.68
N LYS A 130 -22.77 -7.86 15.33
CA LYS A 130 -21.67 -8.83 15.23
C LYS A 130 -21.08 -8.89 16.60
N TYR A 131 -21.11 -10.04 17.25
CA TYR A 131 -20.47 -10.09 18.57
C TYR A 131 -18.96 -9.91 18.35
N ASN A 132 -18.36 -9.19 19.29
CA ASN A 132 -16.95 -8.85 19.20
C ASN A 132 -16.07 -9.97 19.77
N ASP A 133 -15.04 -10.32 19.02
CA ASP A 133 -14.16 -11.44 19.32
C ASP A 133 -12.76 -10.97 19.72
N GLY A 134 -12.62 -9.66 19.98
CA GLY A 134 -11.32 -9.03 20.06
C GLY A 134 -10.77 -8.74 21.45
N ARG A 135 -11.45 -9.23 22.48
CA ARG A 135 -10.87 -9.22 23.82
C ARG A 135 -10.72 -10.66 24.32
N LEU A 136 -10.57 -10.85 25.63
CA LEU A 136 -10.27 -12.17 26.19
C LEU A 136 -11.48 -13.11 26.17
N LEU A 137 -12.61 -12.62 26.67
CA LEU A 137 -13.84 -13.39 26.74
C LEU A 137 -14.90 -12.57 26.01
N PRO A 138 -15.67 -13.22 25.13
CA PRO A 138 -16.66 -12.50 24.32
C PRO A 138 -17.73 -11.78 25.17
N THR A 139 -18.51 -10.92 24.54
CA THR A 139 -19.63 -10.29 25.21
C THR A 139 -20.71 -11.33 25.33
N LEU A 140 -21.63 -11.13 26.25
CA LEU A 140 -22.65 -12.11 26.49
C LEU A 140 -23.99 -11.41 26.52
N PHE A 141 -24.86 -11.71 25.56
CA PHE A 141 -26.18 -11.08 25.59
C PHE A 141 -27.22 -12.01 26.13
N HIS A 142 -28.31 -11.42 26.62
CA HIS A 142 -29.40 -12.22 27.17
C HIS A 142 -30.71 -11.90 26.50
N GLY A 143 -31.46 -12.95 26.17
CA GLY A 143 -32.70 -12.75 25.47
C GLY A 143 -33.21 -13.94 24.71
N ALA A 144 -33.81 -13.68 23.57
CA ALA A 144 -34.61 -14.69 22.88
C ALA A 144 -34.31 -14.64 21.40
N GLN A 145 -34.24 -15.81 20.79
CA GLN A 145 -34.03 -15.86 19.37
C GLN A 145 -34.87 -16.94 18.72
N LEU A 146 -35.71 -16.50 17.78
CA LEU A 146 -36.45 -17.40 16.91
C LEU A 146 -35.83 -17.38 15.52
N THR A 147 -35.45 -18.54 15.01
CA THR A 147 -35.14 -18.67 13.59
C THR A 147 -36.05 -19.69 12.88
N SER A 148 -36.31 -19.47 11.60
CA SER A 148 -37.21 -20.35 10.84
C SER A 148 -36.81 -20.39 9.37
N GLU A 149 -36.73 -21.60 8.82
CA GLU A 149 -36.34 -21.79 7.42
C GLU A 149 -37.14 -22.93 6.82
N GLU A 150 -38.47 -22.84 6.91
CA GLU A 150 -39.33 -23.91 6.44
C GLU A 150 -39.29 -24.01 4.92
N ILE A 151 -39.18 -22.85 4.27
CA ILE A 151 -38.91 -22.82 2.84
C ILE A 151 -37.42 -22.70 2.62
N ALA A 152 -36.82 -23.71 2.02
CA ALA A 152 -35.36 -23.77 1.87
C ALA A 152 -34.82 -22.57 1.10
N GLY A 153 -33.73 -22.00 1.61
CA GLY A 153 -33.13 -20.82 1.01
C GLY A 153 -33.76 -19.52 1.48
N LEU A 154 -34.74 -19.63 2.37
CA LEU A 154 -35.43 -18.45 2.88
C LEU A 154 -35.47 -18.49 4.40
N ARG A 155 -34.54 -17.77 5.02
CA ARG A 155 -34.38 -17.82 6.46
C ARG A 155 -34.94 -16.58 7.13
N PHE A 156 -35.66 -16.79 8.22
CA PHE A 156 -36.20 -15.68 8.99
C PHE A 156 -35.75 -15.80 10.43
N SER A 157 -35.46 -14.65 11.03
CA SER A 157 -34.89 -14.59 12.36
C SER A 157 -35.52 -13.45 13.11
N ALA A 158 -35.71 -13.63 14.41
CA ALA A 158 -36.16 -12.55 15.28
C ALA A 158 -35.44 -12.63 16.60
N THR A 159 -35.10 -11.48 17.17
CA THR A 159 -34.25 -11.48 18.33
C THR A 159 -34.53 -10.27 19.22
N ARG A 160 -34.73 -10.55 20.50
CA ARG A 160 -34.95 -9.51 21.49
C ARG A 160 -33.94 -9.65 22.63
N LEU A 161 -33.18 -8.59 22.88
CA LEU A 161 -32.13 -8.66 23.89
C LEU A 161 -32.31 -7.65 25.03
N GLU A 162 -32.40 -8.18 26.23
CA GLU A 162 -32.68 -7.38 27.40
C GLU A 162 -31.40 -6.87 28.07
N ARG A 163 -30.43 -7.77 28.23
CA ARG A 163 -29.23 -7.48 29.01
C ARG A 163 -27.96 -7.89 28.29
N TYR A 164 -26.82 -7.55 28.88
CA TYR A 164 -25.54 -7.95 28.31
C TYR A 164 -24.44 -7.83 29.33
N THR A 165 -23.35 -8.57 29.11
CA THR A 165 -22.23 -8.61 30.04
C THR A 165 -20.91 -8.44 29.28
N ALA A 166 -20.17 -7.37 29.55
CA ALA A 166 -18.90 -7.14 28.87
C ALA A 166 -17.82 -8.15 29.25
N ALA A 172 -23.23 -7.84 34.50
CA ALA A 172 -24.45 -8.18 33.74
C ALA A 172 -25.47 -7.04 33.69
N GLN A 173 -25.26 -6.09 32.78
CA GLN A 173 -25.98 -4.83 32.80
C GLN A 173 -26.87 -4.57 31.57
N ASP A 174 -27.25 -3.32 31.40
CA ASP A 174 -28.13 -2.92 30.32
C ASP A 174 -27.44 -2.48 29.03
N ILE A 175 -28.07 -2.79 27.90
CA ILE A 175 -27.45 -2.66 26.59
C ILE A 175 -27.13 -1.22 26.19
N ARG A 176 -25.98 -1.04 25.58
CA ARG A 176 -25.38 0.28 25.43
C ARG A 176 -25.03 0.58 24.01
N LEU A 177 -25.12 1.87 23.72
CA LEU A 177 -24.67 2.41 22.48
C LEU A 177 -23.16 2.48 22.52
N HIS A 178 -22.51 2.02 21.47
CA HIS A 178 -21.08 2.14 21.39
C HIS A 178 -20.74 3.63 21.33
N CYS A 179 -19.69 4.02 22.04
CA CYS A 179 -19.43 5.42 22.24
C CYS A 179 -17.93 5.69 22.27
N LYS A 180 -17.15 4.61 22.16
CA LYS A 180 -15.72 4.66 22.45
C LYS A 180 -14.89 5.46 21.46
N ASN A 181 -15.19 6.76 21.38
CA ASN A 181 -14.25 7.82 20.98
C ASN A 181 -14.95 9.18 20.90
N LYS A 182 -16.14 9.25 21.49
CA LYS A 182 -16.88 10.51 21.55
C LYS A 182 -18.01 10.57 20.51
N ARG A 183 -18.59 11.76 20.39
CA ARG A 183 -19.80 11.92 19.62
C ARG A 183 -20.94 11.43 20.49
N TYR A 184 -21.35 10.19 20.25
CA TYR A 184 -22.38 9.54 21.06
C TYR A 184 -21.98 9.48 22.52
N ALA A 185 -22.90 9.87 23.40
CA ALA A 185 -22.58 9.91 24.82
C ALA A 185 -22.40 8.50 25.42
N CYS A 186 -21.46 8.39 26.35
CA CYS A 186 -21.19 7.12 26.99
C CYS A 186 -22.30 6.78 27.97
N ASP A 187 -22.54 5.48 28.19
CA ASP A 187 -23.57 5.00 29.13
C ASP A 187 -25.00 5.37 28.66
N THR A 188 -25.19 5.37 27.34
CA THR A 188 -26.51 5.60 26.78
C THR A 188 -27.19 4.26 26.71
N THR A 189 -28.36 4.14 27.32
CA THR A 189 -28.92 2.81 27.55
C THR A 189 -30.23 2.59 26.84
N GLY A 190 -30.50 1.36 26.45
CA GLY A 190 -31.83 1.03 25.93
C GLY A 190 -32.47 -0.11 26.70
N ASN A 191 -33.80 -0.11 26.77
CA ASN A 191 -34.51 -1.15 27.51
C ASN A 191 -34.28 -2.53 26.92
N ARG A 192 -34.31 -2.59 25.60
CA ARG A 192 -34.13 -3.85 24.90
C ARG A 192 -33.53 -3.59 23.52
N PHE A 193 -33.05 -4.64 22.88
CA PHE A 193 -32.60 -4.56 21.51
C PHE A 193 -33.34 -5.58 20.68
N ASP A 194 -33.99 -5.10 19.63
CA ASP A 194 -34.75 -5.96 18.74
C ASP A 194 -34.07 -5.97 17.38
N ALA A 195 -34.15 -7.10 16.70
CA ALA A 195 -33.77 -7.19 15.29
C ALA A 195 -34.66 -8.22 14.64
N TYR A 196 -34.85 -8.10 13.34
CA TYR A 196 -35.65 -9.06 12.60
C TYR A 196 -34.92 -9.09 11.30
N GLN A 197 -34.79 -10.29 10.73
CA GLN A 197 -33.96 -10.43 9.55
C GLN A 197 -34.53 -11.43 8.55
N LEU A 198 -34.35 -11.16 7.27
CA LEU A 198 -34.75 -12.10 6.23
C LEU A 198 -33.57 -12.36 5.28
N ASP A 199 -33.23 -13.64 5.08
CA ASP A 199 -32.12 -14.03 4.20
C ASP A 199 -32.63 -14.82 2.99
N TYR A 200 -32.47 -14.27 1.80
CA TYR A 200 -32.93 -14.96 0.59
C TYR A 200 -31.73 -15.41 -0.18
N GLN A 201 -31.57 -16.73 -0.34
CA GLN A 201 -30.45 -17.26 -1.11
C GLN A 201 -30.93 -17.53 -2.52
N VAL A 202 -30.83 -16.50 -3.36
CA VAL A 202 -31.32 -16.54 -4.74
C VAL A 202 -30.74 -17.69 -5.54
N ASN A 203 -29.42 -17.79 -5.54
CA ASN A 203 -28.73 -19.00 -6.03
C ASN A 203 -27.57 -19.38 -5.17
N ASP A 204 -26.88 -20.41 -5.66
CA ASP A 204 -25.66 -20.89 -5.08
C ASP A 204 -24.66 -19.73 -5.00
N GLY A 205 -24.75 -18.82 -5.95
CA GLY A 205 -23.81 -17.72 -5.99
C GLY A 205 -24.29 -16.39 -5.42
N LEU A 206 -25.46 -16.35 -4.79
CA LEU A 206 -26.00 -15.06 -4.39
C LEU A 206 -26.99 -15.06 -3.23
N LEU A 207 -26.69 -14.22 -2.24
CA LEU A 207 -27.48 -14.13 -1.04
C LEU A 207 -27.91 -12.66 -0.78
N LEU A 208 -29.22 -12.48 -0.60
CA LEU A 208 -29.82 -11.18 -0.37
C LEU A 208 -30.22 -11.09 1.09
N GLN A 209 -30.11 -9.91 1.66
CA GLN A 209 -30.33 -9.77 3.09
C GLN A 209 -31.07 -8.51 3.44
N TYR A 210 -32.16 -8.65 4.17
CA TYR A 210 -32.77 -7.49 4.74
C TYR A 210 -32.83 -7.70 6.24
N ALA A 211 -32.60 -6.63 7.00
CA ALA A 211 -32.75 -6.69 8.45
C ALA A 211 -33.18 -5.34 9.04
N GLN A 212 -33.74 -5.38 10.25
CA GLN A 212 -34.42 -4.22 10.81
C GLN A 212 -34.48 -4.35 12.32
N GLY A 213 -34.31 -3.25 13.02
CA GLY A 213 -34.42 -3.29 14.47
C GLY A 213 -33.74 -2.09 15.09
N GLY A 214 -33.41 -2.19 16.36
CA GLY A 214 -32.63 -1.12 16.98
C GLY A 214 -32.67 -1.21 18.47
N LEU A 215 -31.93 -0.30 19.10
CA LEU A 215 -31.93 -0.15 20.55
C LEU A 215 -33.09 0.79 20.89
N ARG A 216 -34.09 0.26 21.61
CA ARG A 216 -35.30 1.03 21.96
C ARG A 216 -34.95 2.30 22.75
N ASN A 217 -35.41 3.44 22.26
CA ASN A 217 -35.13 4.78 22.82
C ASN A 217 -33.74 5.34 22.54
N VAL A 218 -33.06 4.76 21.56
CA VAL A 218 -31.81 5.30 21.12
C VAL A 218 -31.89 5.45 19.63
N TYR A 219 -32.11 4.33 18.94
CA TYR A 219 -31.97 4.30 17.50
C TYR A 219 -32.67 3.14 16.85
N ARG A 220 -33.10 3.41 15.61
CA ARG A 220 -33.56 2.36 14.72
C ARG A 220 -32.60 2.28 13.52
N GLN A 221 -32.47 1.08 12.98
CA GLN A 221 -31.52 0.80 11.94
C GLN A 221 -32.09 -0.22 10.95
N ARG A 222 -31.96 0.05 9.66
CA ARG A 222 -32.33 -0.89 8.62
C ARG A 222 -31.06 -1.33 7.89
N TYR A 223 -31.12 -2.50 7.28
CA TYR A 223 -29.98 -3.07 6.62
C TYR A 223 -30.36 -3.83 5.35
N LEU A 224 -29.58 -3.61 4.29
CA LEU A 224 -29.63 -4.43 3.08
C LEU A 224 -28.25 -5.00 2.84
N GLY A 225 -28.17 -6.28 2.49
CA GLY A 225 -26.92 -6.88 2.13
C GLY A 225 -27.03 -7.67 0.84
N ALA A 226 -25.91 -7.83 0.16
CA ALA A 226 -25.81 -8.77 -0.95
C ALA A 226 -24.40 -9.33 -1.01
N VAL A 227 -24.27 -10.66 -0.87
CA VAL A 227 -22.98 -11.33 -0.96
C VAL A 227 -23.03 -12.38 -2.05
N GLY A 228 -21.85 -12.80 -2.47
CA GLY A 228 -21.76 -13.85 -3.48
C GLY A 228 -20.38 -14.09 -4.04
N LYS A 229 -20.16 -15.32 -4.48
CA LYS A 229 -18.90 -15.71 -5.08
C LYS A 229 -19.18 -16.28 -6.47
N ARG A 230 -18.22 -16.14 -7.37
CA ARG A 230 -18.41 -16.63 -8.73
C ARG A 230 -17.05 -17.07 -9.27
N GLN A 231 -17.04 -18.26 -9.88
CA GLN A 231 -15.84 -18.73 -10.55
C GLN A 231 -15.63 -17.89 -11.80
N VAL A 232 -14.40 -17.43 -12.02
CA VAL A 232 -14.02 -16.63 -13.18
C VAL A 232 -12.52 -16.25 -13.16
N GLY A 233 -11.69 -17.06 -13.81
CA GLY A 233 -12.08 -18.33 -14.38
C GLY A 233 -11.28 -19.44 -13.73
N ALA A 234 -10.05 -19.13 -13.34
CA ALA A 234 -9.19 -20.05 -12.60
C ALA A 234 -9.25 -19.75 -11.11
N GLY A 235 -9.77 -18.58 -10.78
CA GLY A 235 -9.92 -18.15 -9.42
C GLY A 235 -11.37 -17.84 -9.11
N LYS A 236 -11.63 -17.26 -7.95
CA LYS A 236 -13.00 -17.04 -7.50
C LYS A 236 -13.24 -15.57 -7.17
N LEU A 237 -14.25 -14.98 -7.78
CA LEU A 237 -14.50 -13.55 -7.62
C LEU A 237 -15.63 -13.26 -6.61
N SER A 238 -15.40 -12.33 -5.69
CA SER A 238 -16.35 -12.11 -4.60
C SER A 238 -16.76 -10.65 -4.44
N ALA A 239 -18.04 -10.44 -4.17
CA ALA A 239 -18.57 -9.09 -3.94
C ALA A 239 -19.42 -9.08 -2.68
N ASP A 240 -19.24 -8.05 -1.87
CA ASP A 240 -19.96 -7.95 -0.60
C ASP A 240 -20.51 -6.54 -0.44
N LEU A 241 -21.82 -6.41 -0.59
CA LEU A 241 -22.49 -5.13 -0.52
C LEU A 241 -23.31 -4.98 0.75
N ARG A 242 -23.05 -3.91 1.50
CA ARG A 242 -23.71 -3.66 2.79
C ARG A 242 -24.19 -2.21 2.89
N TRP A 243 -25.42 -2.04 3.36
CA TRP A 243 -26.00 -0.73 3.51
C TRP A 243 -26.75 -0.62 4.83
N PHE A 244 -26.60 0.50 5.52
CA PHE A 244 -27.31 0.71 6.79
C PHE A 244 -27.98 2.05 6.85
N ASP A 245 -29.19 2.07 7.37
CA ASP A 245 -29.90 3.31 7.50
C ASP A 245 -30.31 3.38 8.94
N SER A 246 -29.88 4.43 9.63
CA SER A 246 -30.12 4.57 11.08
C SER A 246 -30.56 5.97 11.47
N GLU A 247 -31.45 6.05 12.46
CA GLU A 247 -31.85 7.33 13.00
C GLU A 247 -32.19 7.15 14.48
N ASP A 248 -32.22 8.26 15.21
CA ASP A 248 -32.74 8.28 16.58
C ASP A 248 -34.17 7.73 16.64
N ALA A 249 -34.52 7.11 17.77
CA ALA A 249 -35.82 6.43 17.92
C ALA A 249 -36.38 6.72 19.29
N GLY A 250 -37.71 6.73 19.42
CA GLY A 250 -38.33 7.02 20.71
C GLY A 250 -37.80 8.26 21.44
N ALA A 251 -37.35 8.06 22.68
CA ALA A 251 -36.86 9.18 23.52
C ALA A 251 -35.58 9.82 23.00
N ALA A 252 -34.88 9.14 22.09
CA ALA A 252 -33.65 9.63 21.48
C ALA A 252 -32.64 9.93 22.57
N ARG A 253 -32.26 8.89 23.29
CA ARG A 253 -31.47 9.06 24.49
C ARG A 253 -30.03 9.42 24.18
N ALA A 254 -29.70 9.60 22.89
CA ALA A 254 -28.30 9.85 22.51
C ALA A 254 -27.82 11.09 21.73
N GLY A 255 -28.64 12.03 21.26
CA GLY A 255 -30.06 11.94 21.03
C GLY A 255 -30.29 11.88 19.52
N LYS A 256 -30.06 13.00 18.82
CA LYS A 256 -30.18 13.05 17.34
C LYS A 256 -29.17 12.20 16.57
N ILE A 257 -29.69 11.25 15.78
CA ILE A 257 -28.85 10.31 15.04
C ILE A 257 -29.35 10.23 13.60
N ASP A 258 -28.44 10.40 12.66
CA ASP A 258 -28.79 10.44 11.24
C ASP A 258 -27.62 9.92 10.39
N ASN A 259 -27.79 8.73 9.84
CA ASN A 259 -26.68 8.08 9.15
C ASN A 259 -27.07 7.07 8.10
N ARG A 260 -26.44 7.20 6.95
CA ARG A 260 -26.42 6.10 6.01
C ARG A 260 -24.98 5.58 5.84
N ALA A 261 -24.83 4.27 5.99
CA ALA A 261 -23.53 3.66 5.83
C ALA A 261 -23.53 2.68 4.66
N LEU A 262 -22.65 2.93 3.71
CA LEU A 262 -22.49 2.04 2.59
C LEU A 262 -21.09 1.46 2.53
N SER A 263 -20.97 0.15 2.37
CA SER A 263 -19.67 -0.42 2.06
C SER A 263 -19.76 -1.50 1.02
N LEU A 264 -18.69 -1.57 0.26
CA LEU A 264 -18.59 -2.53 -0.81
C LEU A 264 -17.18 -3.12 -0.79
N LEU A 265 -17.11 -4.44 -0.71
CA LEU A 265 -15.84 -5.11 -0.79
C LEU A 265 -15.87 -6.09 -1.97
N LEU A 266 -14.81 -6.06 -2.76
CA LEU A 266 -14.61 -6.96 -3.89
C LEU A 266 -13.32 -7.77 -3.72
N ALA A 267 -13.38 -9.07 -3.94
CA ALA A 267 -12.16 -9.87 -3.86
C ALA A 267 -12.01 -10.82 -5.04
N TYR A 268 -10.74 -11.06 -5.38
CA TYR A 268 -10.40 -12.04 -6.38
C TYR A 268 -9.37 -13.01 -5.80
N ALA A 269 -9.69 -14.30 -5.86
CA ALA A 269 -8.89 -15.30 -5.18
C ALA A 269 -8.54 -16.47 -6.09
N GLN A 270 -7.24 -16.72 -6.24
CA GLN A 270 -6.75 -17.76 -7.13
C GLN A 270 -5.48 -18.35 -6.53
N GLY A 271 -5.44 -19.66 -6.43
CA GLY A 271 -4.41 -20.31 -5.65
C GLY A 271 -4.63 -19.89 -4.22
N GLY A 272 -3.55 -19.57 -3.51
CA GLY A 272 -3.67 -19.09 -2.15
C GLY A 272 -3.59 -17.58 -2.04
N HIS A 273 -3.83 -16.90 -3.16
CA HIS A 273 -3.65 -15.45 -3.23
C HIS A 273 -5.00 -14.76 -3.35
N THR A 274 -5.10 -13.63 -2.66
CA THR A 274 -6.35 -12.92 -2.57
C THR A 274 -6.03 -11.45 -2.55
N LEU A 275 -6.59 -10.75 -3.53
CA LEU A 275 -6.51 -9.30 -3.61
C LEU A 275 -7.90 -8.73 -3.37
N SER A 276 -8.00 -7.82 -2.41
CA SER A 276 -9.30 -7.26 -2.06
C SER A 276 -9.25 -5.73 -2.04
N ALA A 277 -10.29 -5.14 -2.64
CA ALA A 277 -10.45 -3.71 -2.72
C ALA A 277 -11.79 -3.33 -2.10
N GLY A 278 -11.78 -2.36 -1.19
CA GLY A 278 -13.00 -1.97 -0.52
C GLY A 278 -13.27 -0.49 -0.61
N TRP A 279 -14.55 -0.13 -0.52
CA TRP A 279 -14.97 1.24 -0.56
C TRP A 279 -16.06 1.45 0.46
N GLN A 280 -15.94 2.51 1.25
CA GLN A 280 -16.86 2.73 2.34
C GLN A 280 -17.22 4.21 2.38
N ARG A 281 -18.49 4.50 2.65
CA ARG A 281 -18.95 5.87 2.76
C ARG A 281 -20.09 6.07 3.77
N MET A 282 -19.92 7.14 4.54
CA MET A 282 -20.83 7.56 5.59
C MET A 282 -21.55 8.84 5.11
N ASN A 283 -22.86 8.88 5.33
CA ASN A 283 -23.67 10.06 5.00
C ASN A 283 -24.60 10.43 6.13
N GLY A 284 -24.74 11.73 6.38
CA GLY A 284 -25.66 12.20 7.39
C GLY A 284 -24.88 12.93 8.45
N ALA A 285 -25.56 13.36 9.49
CA ALA A 285 -24.93 14.13 10.56
C ALA A 285 -24.13 13.25 11.52
N SER A 286 -24.53 11.99 11.61
CA SER A 286 -24.05 11.12 12.67
C SER A 286 -23.05 10.14 12.14
N SER A 287 -22.30 9.57 13.07
CA SER A 287 -21.57 8.35 12.78
C SER A 287 -22.57 7.20 12.72
N MET A 288 -22.17 6.04 12.22
CA MET A 288 -23.03 4.86 12.26
C MET A 288 -23.15 4.29 13.68
N PRO A 289 -24.38 4.18 14.19
CA PRO A 289 -24.49 3.66 15.56
C PRO A 289 -24.38 2.13 15.63
N TYR A 290 -23.88 1.60 16.73
CA TYR A 290 -23.93 0.18 16.98
C TYR A 290 -23.75 -0.10 18.45
N LEU A 291 -23.93 -1.37 18.84
CA LEU A 291 -23.89 -1.77 20.24
C LEU A 291 -22.47 -1.92 20.81
N ASP A 292 -22.30 -1.42 22.04
CA ASP A 292 -21.11 -1.73 22.81
C ASP A 292 -21.03 -3.27 22.93
N GLY A 293 -19.85 -3.83 22.65
CA GLY A 293 -19.69 -5.26 22.62
C GLY A 293 -19.92 -5.85 21.24
N SER A 294 -19.98 -4.98 20.24
CA SER A 294 -20.09 -5.43 18.87
C SER A 294 -19.07 -4.70 17.99
N ASN A 295 -19.01 -5.12 16.73
CA ASN A 295 -18.25 -4.40 15.73
C ASN A 295 -19.23 -3.99 14.66
N PRO A 296 -19.04 -2.81 14.07
CA PRO A 296 -19.91 -2.49 12.94
C PRO A 296 -19.54 -3.39 11.76
N TYR A 297 -20.55 -3.91 11.11
CA TYR A 297 -20.39 -4.86 10.03
C TYR A 297 -20.08 -4.14 8.72
N LEU A 298 -18.90 -3.53 8.64
CA LEU A 298 -18.53 -2.75 7.47
C LEU A 298 -17.23 -3.27 6.85
N ALA A 299 -17.06 -3.05 5.55
CA ALA A 299 -15.86 -3.45 4.82
C ALA A 299 -14.56 -2.89 5.39
N ASN A 300 -14.61 -1.66 5.90
CA ASN A 300 -13.42 -1.04 6.47
C ASN A 300 -13.34 -1.10 7.99
N TYR A 301 -14.00 -2.08 8.59
CA TYR A 301 -13.76 -2.33 10.00
C TYR A 301 -12.42 -3.02 10.17
N LEU A 302 -11.48 -2.31 10.77
CA LEU A 302 -10.09 -2.76 10.89
C LEU A 302 -9.77 -3.07 12.35
N GLN A 303 -8.49 -3.33 12.64
CA GLN A 303 -8.10 -3.78 13.98
C GLN A 303 -8.39 -2.71 15.02
N VAL A 304 -8.15 -1.46 14.64
CA VAL A 304 -8.20 -0.36 15.60
C VAL A 304 -9.28 0.70 15.34
N ASN A 305 -9.69 0.82 14.09
CA ASN A 305 -10.53 1.94 13.67
C ASN A 305 -11.58 1.43 12.70
N ASP A 306 -12.76 2.06 12.74
CA ASP A 306 -13.88 1.57 11.96
C ASP A 306 -14.19 2.39 10.70
N PHE A 307 -13.57 3.56 10.60
CA PHE A 307 -13.79 4.48 9.47
C PHE A 307 -15.25 4.85 9.26
N ALA A 308 -15.93 5.04 10.37
CA ALA A 308 -17.37 5.20 10.35
C ALA A 308 -17.73 6.50 11.04
N ASN A 309 -16.78 7.43 11.08
CA ASN A 309 -16.98 8.80 11.55
C ASN A 309 -17.86 9.61 10.61
N PRO A 310 -18.39 10.77 11.07
CA PRO A 310 -19.45 11.34 10.23
C PRO A 310 -18.97 11.79 8.84
N GLU A 311 -19.71 11.38 7.81
CA GLU A 311 -19.46 11.83 6.46
C GLU A 311 -18.14 11.34 5.90
N GLU A 312 -17.59 10.32 6.55
CA GLU A 312 -16.29 9.80 6.20
C GLU A 312 -16.33 8.95 4.92
N ARG A 313 -15.31 9.10 4.08
CA ARG A 313 -15.13 8.20 2.95
C ARG A 313 -13.78 7.57 3.05
N SER A 314 -13.71 6.30 2.69
CA SER A 314 -12.48 5.55 2.80
C SER A 314 -12.36 4.49 1.73
N TRP A 315 -11.13 4.10 1.44
CA TRP A 315 -10.88 2.96 0.57
C TRP A 315 -9.87 2.00 1.21
N GLN A 316 -9.95 0.73 0.81
CA GLN A 316 -9.13 -0.32 1.37
C GLN A 316 -8.47 -1.13 0.28
N LEU A 317 -7.25 -1.55 0.57
CA LEU A 317 -6.56 -2.54 -0.22
C LEU A 317 -6.12 -3.60 0.78
N ARG A 318 -6.30 -4.85 0.42
CA ARG A 318 -5.92 -5.96 1.30
C ARG A 318 -5.36 -7.12 0.49
N TYR A 319 -4.41 -7.84 1.08
CA TYR A 319 -3.88 -8.99 0.38
C TYR A 319 -3.80 -10.13 1.37
N ASP A 320 -4.28 -11.31 0.96
CA ASP A 320 -4.23 -12.47 1.83
C ASP A 320 -3.44 -13.55 1.13
N PHE A 321 -2.53 -14.16 1.86
CA PHE A 321 -1.72 -15.23 1.31
C PHE A 321 -1.73 -16.47 2.20
N ASP A 322 -2.25 -17.57 1.66
CA ASP A 322 -2.22 -18.87 2.31
C ASP A 322 -1.02 -19.68 1.78
N LEU A 323 -0.02 -19.93 2.62
CA LEU A 323 1.20 -20.60 2.17
C LEU A 323 1.10 -22.12 2.16
N ARG A 324 -0.11 -22.64 1.98
CA ARG A 324 -0.29 -24.06 1.77
C ARG A 324 0.29 -24.36 0.40
N SER A 325 0.31 -23.34 -0.45
CA SER A 325 0.75 -23.46 -1.84
C SER A 325 2.27 -23.47 -2.00
N VAL A 326 2.97 -22.82 -1.08
CA VAL A 326 4.44 -22.81 -1.07
C VAL A 326 4.94 -24.04 -0.31
N GLY A 327 4.01 -24.73 0.34
CA GLY A 327 4.33 -25.94 1.06
C GLY A 327 4.62 -25.73 2.52
N VAL A 328 4.05 -24.68 3.10
CA VAL A 328 4.06 -24.50 4.55
C VAL A 328 2.62 -24.37 5.05
N PRO A 329 1.90 -25.50 5.09
CA PRO A 329 0.47 -25.51 5.44
C PRO A 329 0.22 -25.04 6.87
N GLY A 330 -0.88 -24.31 7.07
CA GLY A 330 -1.17 -23.73 8.36
C GLY A 330 -0.48 -22.40 8.60
N LEU A 331 0.07 -21.84 7.53
CA LEU A 331 0.72 -20.54 7.62
C LEU A 331 0.02 -19.55 6.70
N SER A 332 -0.48 -18.47 7.29
CA SER A 332 -1.28 -17.52 6.53
C SER A 332 -0.78 -16.11 6.80
N PHE A 333 -0.79 -15.27 5.77
CA PHE A 333 -0.28 -13.92 5.92
C PHE A 333 -1.34 -12.97 5.41
N MET A 334 -1.47 -11.82 6.06
CA MET A 334 -2.41 -10.80 5.62
C MET A 334 -1.84 -9.42 5.85
N THR A 335 -2.15 -8.51 4.93
CA THR A 335 -1.88 -7.09 5.15
C THR A 335 -2.97 -6.23 4.51
N ARG A 336 -3.42 -5.22 5.23
CA ARG A 336 -4.41 -4.34 4.64
C ARG A 336 -4.19 -2.90 5.02
N TYR A 337 -4.75 -2.02 4.20
CA TYR A 337 -4.49 -0.61 4.32
C TYR A 337 -5.78 0.15 4.00
N VAL A 338 -6.15 1.06 4.87
CA VAL A 338 -7.34 1.86 4.63
C VAL A 338 -6.95 3.31 4.72
N ASN A 339 -7.39 4.10 3.74
CA ASN A 339 -7.22 5.54 3.76
C ASN A 339 -8.58 6.21 3.89
N GLY A 340 -8.75 7.09 4.89
CA GLY A 340 -9.98 7.83 5.07
C GLY A 340 -9.86 9.35 5.13
N ASP A 341 -10.82 10.02 4.50
CA ASP A 341 -10.93 11.46 4.69
C ASP A 341 -12.38 11.91 4.74
N HIS A 342 -12.59 13.21 4.51
CA HIS A 342 -13.93 13.81 4.52
C HIS A 342 -14.64 13.72 5.86
N ILE A 343 -13.90 13.60 6.95
CA ILE A 343 -14.54 13.48 8.24
C ILE A 343 -14.98 14.86 8.69
N ARG A 344 -16.24 14.97 9.09
CA ARG A 344 -16.71 16.26 9.58
C ARG A 344 -16.49 16.31 11.07
N LEU A 345 -15.42 16.99 11.44
CA LEU A 345 -15.03 17.17 12.83
C LEU A 345 -15.93 18.19 13.48
N ALA A 346 -16.23 17.99 14.76
CA ALA A 346 -16.96 18.97 15.57
C ALA A 346 -16.34 20.36 15.42
N ASN A 347 -15.03 20.39 15.14
CA ASN A 347 -14.28 21.57 14.72
C ASN A 347 -14.99 22.42 13.70
N GLY A 348 -15.45 21.76 12.65
CA GLY A 348 -15.84 22.42 11.42
C GLY A 348 -14.84 22.09 10.31
N ASP A 349 -13.69 21.58 10.71
CA ASP A 349 -12.69 21.14 9.76
C ASP A 349 -12.87 19.73 9.24
N GLU A 350 -12.05 19.37 8.27
CA GLU A 350 -12.00 18.02 7.75
C GLU A 350 -10.96 17.15 8.50
N GLY A 351 -11.33 15.91 8.78
CA GLY A 351 -10.42 14.96 9.39
C GLY A 351 -9.94 13.91 8.39
N LYS A 352 -8.69 13.49 8.57
CA LYS A 352 -8.09 12.41 7.81
C LYS A 352 -7.37 11.42 8.72
N GLU A 353 -7.49 10.15 8.39
CA GLU A 353 -6.90 9.11 9.21
C GLU A 353 -6.61 7.98 8.30
N TRP A 354 -5.62 7.17 8.63
CA TRP A 354 -5.41 5.95 7.89
C TRP A 354 -4.93 4.87 8.85
N GLU A 355 -5.06 3.62 8.43
CA GLU A 355 -4.63 2.48 9.21
C GLU A 355 -4.01 1.44 8.29
N ARG A 356 -2.95 0.80 8.76
CA ARG A 356 -2.36 -0.34 8.09
C ARG A 356 -2.28 -1.48 9.10
N ASP A 357 -2.65 -2.68 8.65
CA ASP A 357 -2.63 -3.86 9.51
C ASP A 357 -1.76 -4.91 8.85
N ILE A 358 -1.04 -5.65 9.67
CA ILE A 358 -0.27 -6.80 9.25
C ILE A 358 -0.65 -8.00 10.13
N GLU A 359 -0.90 -9.15 9.52
CA GLU A 359 -1.21 -10.35 10.29
C GLU A 359 -0.44 -11.59 9.91
N LEU A 360 -0.12 -12.36 10.94
CA LEU A 360 0.49 -13.66 10.79
C LEU A 360 -0.28 -14.67 11.63
N LYS A 361 -0.63 -15.79 11.01
CA LYS A 361 -1.28 -16.86 11.74
C LYS A 361 -0.57 -18.17 11.49
N TYR A 362 -0.32 -18.92 12.56
CA TYR A 362 0.24 -20.26 12.39
C TYR A 362 -0.47 -21.35 13.18
N ILE A 363 -0.91 -22.38 12.45
CA ILE A 363 -1.58 -23.54 13.03
C ILE A 363 -0.67 -24.77 13.02
N VAL A 364 -0.25 -25.25 14.18
CA VAL A 364 0.67 -26.40 14.20
C VAL A 364 0.01 -27.65 13.63
N GLN A 365 0.71 -28.32 12.73
CA GLN A 365 0.10 -29.36 11.90
C GLN A 365 0.06 -30.75 12.54
N SER A 366 0.98 -31.01 13.46
CA SER A 366 1.07 -32.33 14.08
C SER A 366 1.96 -32.31 15.34
N GLY A 367 1.62 -33.19 16.27
CA GLY A 367 2.29 -33.22 17.56
C GLY A 367 1.22 -33.21 18.65
N ARG A 368 1.65 -33.22 19.91
CA ARG A 368 0.71 -33.09 21.01
C ARG A 368 -0.01 -31.75 20.91
N PHE A 369 0.70 -30.74 20.41
CA PHE A 369 0.15 -29.40 20.29
C PHE A 369 -0.50 -29.14 18.94
N LYS A 370 -0.88 -30.20 18.23
CA LYS A 370 -1.51 -30.07 16.92
C LYS A 370 -2.81 -29.27 17.01
N ASP A 371 -2.99 -28.35 16.06
CA ASP A 371 -4.16 -27.47 15.94
C ASP A 371 -4.19 -26.31 16.93
N LEU A 372 -3.10 -26.08 17.65
CA LEU A 372 -2.92 -24.86 18.41
C LEU A 372 -2.63 -23.73 17.45
N SER A 373 -3.21 -22.56 17.72
CA SER A 373 -3.11 -21.47 16.78
C SER A 373 -2.25 -20.32 17.34
N LEU A 374 -1.29 -19.88 16.53
CA LEU A 374 -0.46 -18.72 16.86
C LEU A 374 -0.85 -17.60 15.93
N ARG A 375 -1.20 -16.47 16.52
CA ARG A 375 -1.68 -15.38 15.72
C ARG A 375 -1.03 -14.07 16.10
N LEU A 376 -0.49 -13.38 15.11
CA LEU A 376 0.12 -12.09 15.34
C LEU A 376 -0.62 -10.96 14.62
N ARG A 377 -1.09 -9.96 15.37
CA ARG A 377 -1.87 -8.86 14.79
C ARG A 377 -1.29 -7.45 15.06
N ASN A 378 -0.85 -6.78 14.00
CA ASN A 378 -0.20 -5.49 14.15
C ASN A 378 -0.98 -4.35 13.53
N ALA A 379 -1.20 -3.30 14.31
CA ALA A 379 -1.91 -2.15 13.76
C ALA A 379 -1.14 -0.85 13.93
N THR A 380 -1.14 -0.06 12.87
CA THR A 380 -0.59 1.29 12.89
C THR A 380 -1.70 2.21 12.42
N TYR A 381 -2.02 3.19 13.26
CA TYR A 381 -3.17 4.04 13.02
C TYR A 381 -2.83 5.50 13.34
N ARG A 382 -3.06 6.37 12.37
CA ARG A 382 -2.69 7.79 12.47
C ARG A 382 -3.81 8.70 11.97
N THR A 383 -3.92 9.86 12.62
CA THR A 383 -4.91 10.85 12.22
C THR A 383 -4.25 12.22 12.10
N ASP A 384 -4.98 13.17 11.52
CA ASP A 384 -4.49 14.53 11.55
C ASP A 384 -5.35 15.36 12.51
N PHE A 385 -6.15 14.68 13.35
CA PHE A 385 -6.99 15.31 14.38
C PHE A 385 -6.86 14.57 15.72
N GLU A 386 -6.63 15.30 16.82
CA GLU A 386 -6.44 14.69 18.14
C GLU A 386 -5.36 13.62 18.13
N ARG A 387 -4.21 13.95 17.57
CA ARG A 387 -3.17 12.97 17.29
C ARG A 387 -2.74 12.17 18.51
N SER A 388 -2.35 12.89 19.57
CA SER A 388 -1.89 12.29 20.82
C SER A 388 -2.92 11.30 21.37
N ALA A 389 -4.17 11.75 21.40
CA ALA A 389 -5.23 10.95 21.95
C ALA A 389 -5.56 9.68 21.14
N ARG A 390 -5.43 9.70 19.82
CA ARG A 390 -5.86 8.50 19.10
C ARG A 390 -4.90 7.81 18.15
N ASP A 391 -3.71 8.37 17.91
CA ASP A 391 -2.67 7.59 17.24
C ASP A 391 -2.26 6.34 18.06
N VAL A 392 -2.11 5.19 17.41
CA VAL A 392 -1.60 3.99 18.10
C VAL A 392 -0.78 3.06 17.25
N ASP A 393 0.21 2.45 17.87
CA ASP A 393 0.72 1.19 17.34
C ASP A 393 0.26 0.10 18.27
N GLU A 394 -0.26 -0.97 17.71
CA GLU A 394 -0.77 -2.06 18.52
C GLU A 394 -0.25 -3.41 18.03
N VAL A 395 0.13 -4.25 19.00
CA VAL A 395 0.52 -5.63 18.74
C VAL A 395 -0.32 -6.57 19.60
N ARG A 396 -1.06 -7.46 18.94
CA ARG A 396 -1.75 -8.55 19.64
C ARG A 396 -1.10 -9.87 19.28
N LEU A 397 -0.64 -10.60 20.30
CA LEU A 397 -0.16 -11.96 20.13
C LEU A 397 -1.20 -12.90 20.69
N ILE A 398 -1.70 -13.82 19.89
CA ILE A 398 -2.72 -14.71 20.41
C ILE A 398 -2.44 -16.20 20.21
N ALA A 399 -2.41 -16.92 21.31
CA ALA A 399 -2.33 -18.38 21.27
C ALA A 399 -3.65 -18.98 21.75
N SER A 400 -4.19 -19.87 20.94
CA SER A 400 -5.54 -20.34 21.14
C SER A 400 -5.61 -21.81 20.84
N TYR A 401 -6.35 -22.55 21.67
CA TYR A 401 -6.51 -23.97 21.43
C TYR A 401 -7.96 -24.35 21.69
N ASN A 402 -8.56 -25.01 20.72
CA ASN A 402 -9.91 -25.58 20.88
C ASN A 402 -9.90 -27.08 21.07
N LEU A 403 -10.30 -27.52 22.26
CA LEU A 403 -10.53 -28.93 22.51
C LEU A 403 -12.03 -29.25 22.28
N SER A 404 -12.30 -30.13 21.34
CA SER A 404 -13.63 -30.71 21.21
C SER A 404 -13.83 -31.70 22.36
N LEU A 405 -14.94 -31.55 23.07
CA LEU A 405 -15.20 -32.42 24.22
C LEU A 405 -15.89 -33.71 23.78
N PHE A 406 -16.59 -33.65 22.64
CA PHE A 406 -17.15 -34.85 22.02
C PHE A 406 -16.05 -35.50 21.18
N ASP B 11 26.57 3.00 -36.45
CA ASP B 11 25.31 3.73 -36.61
C ASP B 11 25.03 4.10 -38.07
N GLY B 12 24.51 5.31 -38.30
CA GLY B 12 24.18 6.24 -37.24
C GLY B 12 22.67 6.39 -37.07
N SER B 13 22.24 7.54 -36.56
CA SER B 13 20.82 7.74 -36.21
C SER B 13 20.36 9.18 -36.40
N ALA B 14 19.04 9.40 -36.32
CA ALA B 14 18.48 10.74 -36.48
C ALA B 14 17.01 10.86 -36.09
N ARG B 15 16.74 11.62 -35.03
CA ARG B 15 15.37 11.80 -34.55
C ARG B 15 15.02 13.27 -34.34
N LEU B 16 13.79 13.63 -34.69
CA LEU B 16 13.23 14.92 -34.29
C LEU B 16 12.24 14.63 -33.18
N GLU B 17 12.48 15.17 -31.99
CA GLU B 17 11.61 14.87 -30.87
C GLU B 17 10.62 15.99 -30.56
N ALA B 18 9.35 15.70 -30.82
CA ALA B 18 8.25 16.58 -30.47
C ALA B 18 7.57 16.08 -29.20
N ARG B 19 7.77 16.82 -28.12
CA ARG B 19 7.21 16.44 -26.85
C ARG B 19 6.40 17.60 -26.32
N THR B 20 5.16 17.33 -25.92
CA THR B 20 4.33 18.36 -25.31
C THR B 20 3.80 17.91 -23.93
N VAL B 21 3.87 18.83 -22.96
CA VAL B 21 3.75 18.47 -21.55
C VAL B 21 2.98 19.47 -20.68
N TYR B 22 2.09 18.96 -19.83
CA TYR B 22 1.42 19.76 -18.81
C TYR B 22 2.02 19.44 -17.44
N PHE B 23 2.25 20.51 -16.68
CA PHE B 23 2.91 20.45 -15.39
C PHE B 23 1.99 21.14 -14.37
N ASN B 24 1.71 20.47 -13.26
CA ASN B 24 0.89 21.08 -12.20
C ASN B 24 1.37 20.67 -10.82
N ARG B 25 1.80 21.67 -10.05
CA ARG B 25 2.15 21.49 -8.64
C ARG B 25 1.08 22.06 -7.71
N ASP B 26 1.01 21.56 -6.49
CA ASP B 26 0.13 22.12 -5.47
C ASP B 26 0.88 22.08 -4.16
N PHE B 27 1.03 23.26 -3.53
CA PHE B 27 1.88 23.38 -2.34
C PHE B 27 1.08 23.76 -1.09
N LYS B 40 -1.95 26.67 -7.91
CA LYS B 40 -0.67 27.36 -7.76
C LYS B 40 0.45 26.62 -8.49
N ARG B 41 1.12 27.31 -9.40
CA ARG B 41 2.19 26.72 -10.24
C ARG B 41 1.72 25.60 -11.19
N GLU B 42 1.03 26.01 -12.26
CA GLU B 42 0.69 25.14 -13.39
C GLU B 42 1.46 25.66 -14.60
N GLU B 43 1.69 24.82 -15.60
CA GLU B 43 2.58 25.20 -16.70
C GLU B 43 2.53 24.27 -17.92
N ALA B 44 2.63 24.87 -19.10
CA ALA B 44 2.55 24.16 -20.39
C ALA B 44 3.71 24.53 -21.32
N ALA B 45 4.17 23.56 -22.10
CA ALA B 45 5.29 23.77 -23.01
C ALA B 45 5.22 22.84 -24.23
N GLN B 46 5.73 23.33 -25.37
CA GLN B 46 5.86 22.51 -26.56
C GLN B 46 7.34 22.33 -26.85
N GLY B 47 7.77 21.08 -26.95
CA GLY B 47 9.19 20.78 -27.07
C GLY B 47 9.64 20.32 -28.44
N PHE B 48 10.81 20.81 -28.85
CA PHE B 48 11.44 20.39 -30.09
C PHE B 48 12.88 19.91 -29.83
N ILE B 49 13.10 18.60 -29.86
CA ILE B 49 14.46 18.06 -29.77
C ILE B 49 14.97 17.43 -31.07
N LEU B 50 16.08 17.95 -31.58
CA LEU B 50 16.75 17.39 -32.76
C LEU B 50 18.06 16.71 -32.38
N ASP B 51 18.12 15.41 -32.62
CA ASP B 51 19.36 14.66 -32.42
C ASP B 51 19.83 13.93 -33.70
N LEU B 52 20.86 14.49 -34.34
CA LEU B 52 21.44 13.84 -35.50
C LEU B 52 22.73 13.16 -35.05
N ARG B 53 22.85 11.88 -35.35
CA ARG B 53 24.09 11.15 -35.12
C ARG B 53 24.56 10.49 -36.42
N SER B 54 25.67 10.99 -36.97
CA SER B 54 26.17 10.54 -38.27
C SER B 54 26.74 9.13 -38.19
N GLY B 55 26.99 8.55 -39.36
CA GLY B 55 27.79 7.35 -39.43
C GLY B 55 29.27 7.72 -39.42
N TYR B 56 30.13 6.70 -39.53
CA TYR B 56 31.57 6.92 -39.58
C TYR B 56 32.07 6.83 -41.01
N THR B 57 32.98 7.74 -41.36
CA THR B 57 33.69 7.62 -42.63
C THR B 57 34.36 6.26 -42.71
N GLU B 58 34.30 5.66 -43.90
CA GLU B 58 34.79 4.31 -44.11
C GLU B 58 36.29 4.26 -43.90
N GLY B 59 36.79 3.08 -43.57
CA GLY B 59 38.21 2.89 -43.42
C GLY B 59 38.63 2.49 -42.04
N ALA B 60 39.92 2.22 -41.90
CA ALA B 60 40.55 1.84 -40.65
C ALA B 60 40.06 2.71 -39.50
N LEU B 61 40.32 4.01 -39.61
CA LEU B 61 39.92 4.97 -38.59
C LEU B 61 38.73 5.81 -39.09
N GLY B 62 37.57 5.61 -38.47
CA GLY B 62 36.36 6.31 -38.88
C GLY B 62 36.22 7.66 -38.22
N PHE B 63 35.50 8.56 -38.88
CA PHE B 63 35.21 9.87 -38.30
C PHE B 63 33.73 10.19 -38.39
N GLY B 64 33.26 11.11 -37.57
CA GLY B 64 31.88 11.51 -37.67
C GLY B 64 31.50 12.69 -36.83
N VAL B 65 30.22 13.04 -36.87
CA VAL B 65 29.76 14.21 -36.15
C VAL B 65 28.39 13.99 -35.52
N ASP B 66 28.28 14.40 -34.26
CA ASP B 66 27.02 14.34 -33.55
C ASP B 66 26.56 15.75 -33.21
N THR B 67 25.27 15.96 -33.35
CA THR B 67 24.72 17.29 -33.16
C THR B 67 23.46 17.20 -32.34
N LEU B 68 23.38 18.04 -31.31
CA LEU B 68 22.12 18.21 -30.60
C LEU B 68 21.58 19.63 -30.83
N ALA B 69 20.29 19.75 -31.10
CA ALA B 69 19.66 21.05 -31.31
C ALA B 69 18.41 21.19 -30.45
N MET B 70 18.31 22.30 -29.72
CA MET B 70 17.19 22.46 -28.80
C MET B 70 16.36 23.73 -28.97
N LEU B 71 15.07 23.55 -29.23
CA LEU B 71 14.11 24.64 -29.31
C LEU B 71 12.97 24.48 -28.30
N GLY B 72 12.75 25.52 -27.49
CA GLY B 72 11.71 25.48 -26.47
C GLY B 72 10.60 26.48 -26.71
N GLN B 100 11.21 31.77 -23.85
CA GLN B 100 11.63 30.80 -24.86
C GLN B 100 12.82 29.95 -24.39
N TYR B 101 13.35 29.11 -25.29
CA TYR B 101 14.49 28.25 -24.97
C TYR B 101 15.26 27.83 -26.22
N ALA B 102 16.55 28.17 -26.27
CA ALA B 102 17.39 27.90 -27.44
C ALA B 102 18.80 27.40 -27.10
N LYS B 103 19.15 26.23 -27.65
CA LYS B 103 20.48 25.66 -27.45
C LYS B 103 20.82 24.62 -28.51
N ALA B 104 22.11 24.48 -28.81
CA ALA B 104 22.55 23.47 -29.75
C ALA B 104 24.04 23.23 -29.64
N GLY B 105 24.46 22.01 -29.91
CA GLY B 105 25.86 21.66 -29.82
C GLY B 105 26.35 20.69 -30.87
N VAL B 106 27.66 20.65 -31.04
CA VAL B 106 28.30 19.74 -31.98
C VAL B 106 29.26 18.83 -31.23
N ALA B 107 29.37 17.60 -31.70
CA ALA B 107 30.39 16.70 -31.18
C ALA B 107 31.09 15.99 -32.35
N GLY B 108 32.40 15.91 -32.26
CA GLY B 108 33.16 15.11 -33.21
C GLY B 108 33.46 13.76 -32.63
N LYS B 109 33.42 12.74 -33.46
CA LYS B 109 33.74 11.39 -33.01
C LYS B 109 34.67 10.71 -34.01
N MET B 110 35.64 9.96 -33.47
CA MET B 110 36.40 9.07 -34.31
C MET B 110 36.39 7.70 -33.66
N ARG B 111 36.61 6.67 -34.47
CA ARG B 111 36.44 5.31 -34.02
C ARG B 111 37.37 4.31 -34.73
N PHE B 112 38.24 3.69 -33.96
CA PHE B 112 39.02 2.57 -34.46
C PHE B 112 38.63 1.31 -33.71
N SER B 113 38.40 0.23 -34.46
CA SER B 113 38.04 -1.08 -33.91
C SER B 113 36.87 -1.01 -32.92
N GLN B 114 37.08 -1.45 -31.69
CA GLN B 114 36.03 -1.39 -30.68
C GLN B 114 36.30 -0.31 -29.63
N THR B 115 36.76 0.85 -30.09
CA THR B 115 37.07 1.97 -29.22
C THR B 115 36.56 3.24 -29.89
N GLN B 116 35.97 4.14 -29.13
CA GLN B 116 35.47 5.39 -29.70
C GLN B 116 35.79 6.60 -28.83
N PHE B 117 35.81 7.76 -29.45
CA PHE B 117 36.18 8.98 -28.77
C PHE B 117 35.32 10.16 -29.24
N ARG B 118 34.83 10.94 -28.30
CA ARG B 118 33.96 12.08 -28.61
C ARG B 118 34.50 13.37 -27.99
N TYR B 119 34.18 14.51 -28.60
CA TYR B 119 34.64 15.80 -28.13
C TYR B 119 33.57 16.82 -28.47
N GLY B 120 33.07 17.54 -27.47
CA GLY B 120 32.03 18.54 -27.70
C GLY B 120 30.74 18.30 -26.95
N ALA B 121 29.61 18.67 -27.59
CA ALA B 121 28.30 18.49 -26.99
C ALA B 121 28.03 17.03 -26.61
N MET B 122 27.30 16.81 -25.52
CA MET B 122 27.20 15.46 -24.97
C MET B 122 26.04 15.28 -23.97
N LEU B 123 25.36 14.14 -24.06
CA LEU B 123 24.33 13.77 -23.09
C LEU B 123 24.69 12.52 -22.30
N PRO B 124 25.45 12.68 -21.21
CA PRO B 124 25.97 11.55 -20.41
C PRO B 124 24.86 10.78 -19.71
N ASP B 125 25.01 9.47 -19.61
CA ASP B 125 24.07 8.65 -18.88
C ASP B 125 24.86 7.56 -18.19
N MET B 126 25.28 7.85 -16.96
CA MET B 126 26.21 6.97 -16.27
C MET B 126 26.03 7.12 -14.76
N PRO B 127 26.43 6.09 -14.00
CA PRO B 127 26.25 6.06 -12.54
C PRO B 127 26.60 7.34 -11.75
N LEU B 128 27.67 8.03 -12.12
CA LEU B 128 28.05 9.25 -11.42
C LEU B 128 27.44 10.51 -12.08
N LEU B 129 26.80 10.30 -13.23
CA LEU B 129 26.03 11.37 -13.87
C LEU B 129 24.93 10.84 -14.80
N LYS B 130 23.72 10.68 -14.26
CA LYS B 130 22.50 10.40 -15.04
C LYS B 130 21.92 11.72 -15.52
N TYR B 131 21.47 11.80 -16.76
CA TYR B 131 20.94 13.08 -17.24
C TYR B 131 19.46 13.29 -16.90
N ASN B 132 19.10 14.56 -16.73
CA ASN B 132 17.77 14.97 -16.25
C ASN B 132 16.68 14.88 -17.32
N ASP B 133 15.83 13.85 -17.21
CA ASP B 133 14.77 13.66 -18.19
C ASP B 133 13.52 14.46 -17.81
N GLY B 134 13.26 14.59 -16.52
CA GLY B 134 12.04 15.18 -16.02
C GLY B 134 11.81 16.65 -16.36
N ARG B 135 12.89 17.37 -16.64
CA ARG B 135 12.78 18.79 -16.99
C ARG B 135 12.26 18.98 -18.41
N LEU B 136 11.96 20.23 -18.76
CA LEU B 136 11.55 20.57 -20.11
C LEU B 136 12.72 21.22 -20.84
N LEU B 137 13.73 20.40 -21.10
CA LEU B 137 15.09 20.78 -21.48
C LEU B 137 15.97 19.66 -21.00
N PRO B 138 16.85 19.14 -21.88
CA PRO B 138 17.95 18.37 -21.30
C PRO B 138 19.14 19.29 -20.99
N THR B 139 20.09 18.80 -20.21
CA THR B 139 21.29 19.57 -19.93
C THR B 139 22.40 19.21 -20.93
N LEU B 140 23.00 20.23 -21.55
CA LEU B 140 24.11 20.03 -22.48
C LEU B 140 25.45 20.11 -21.78
N PHE B 141 26.19 19.01 -21.77
CA PHE B 141 27.53 18.98 -21.21
C PHE B 141 28.58 18.92 -22.31
N HIS B 142 29.61 19.75 -22.18
CA HIS B 142 30.64 19.86 -23.21
C HIS B 142 31.95 19.30 -22.68
N GLY B 143 32.46 18.25 -23.32
CA GLY B 143 33.67 17.62 -22.84
C GLY B 143 34.11 16.46 -23.71
N ALA B 144 34.95 15.59 -23.16
CA ALA B 144 35.51 14.48 -23.92
C ALA B 144 35.07 13.12 -23.39
N GLN B 145 34.69 12.25 -24.30
CA GLN B 145 34.32 10.91 -23.92
C GLN B 145 35.22 9.93 -24.64
N LEU B 146 35.81 9.02 -23.87
CA LEU B 146 36.52 7.89 -24.43
C LEU B 146 35.79 6.66 -23.95
N THR B 147 35.41 5.78 -24.86
CA THR B 147 34.92 4.47 -24.47
C THR B 147 35.63 3.42 -25.31
N SER B 148 35.98 2.30 -24.67
CA SER B 148 36.63 1.19 -25.33
C SER B 148 36.12 -0.14 -24.80
N GLU B 149 35.77 -1.05 -25.69
CA GLU B 149 35.35 -2.40 -25.32
C GLU B 149 36.08 -3.41 -26.19
N GLU B 150 37.42 -3.39 -26.13
CA GLU B 150 38.19 -4.30 -26.96
C GLU B 150 37.97 -5.74 -26.54
N ILE B 151 37.98 -5.99 -25.25
CA ILE B 151 37.70 -7.32 -24.75
C ILE B 151 36.20 -7.40 -24.51
N ALA B 152 35.56 -8.38 -25.15
CA ALA B 152 34.11 -8.56 -25.08
C ALA B 152 33.57 -8.64 -23.66
N GLY B 153 32.39 -8.04 -23.45
CA GLY B 153 31.74 -8.01 -22.15
C GLY B 153 32.48 -7.18 -21.11
N LEU B 154 33.43 -6.36 -21.57
CA LEU B 154 34.28 -5.58 -20.68
C LEU B 154 34.50 -4.17 -21.24
N ARG B 155 33.62 -3.26 -20.84
CA ARG B 155 33.59 -1.90 -21.36
C ARG B 155 34.26 -0.97 -20.35
N PHE B 156 35.11 -0.08 -20.86
CA PHE B 156 35.81 0.91 -20.05
C PHE B 156 35.48 2.30 -20.57
N SER B 157 35.33 3.27 -19.68
CA SER B 157 34.93 4.61 -20.09
C SER B 157 35.66 5.69 -19.32
N ALA B 158 35.96 6.79 -20.00
CA ALA B 158 36.55 7.94 -19.36
C ALA B 158 35.93 9.21 -19.94
N THR B 159 35.71 10.17 -19.06
CA THR B 159 34.96 11.36 -19.42
C THR B 159 35.55 12.56 -18.71
N ARG B 160 35.67 13.67 -19.43
CA ARG B 160 36.10 14.91 -18.81
C ARG B 160 35.18 16.03 -19.28
N LEU B 161 34.25 16.41 -18.42
CA LEU B 161 33.24 17.41 -18.79
C LEU B 161 33.57 18.78 -18.17
N GLU B 162 33.51 19.83 -18.98
CA GLU B 162 33.93 21.16 -18.53
C GLU B 162 32.77 22.17 -18.35
N ARG B 163 32.13 22.58 -19.43
CA ARG B 163 31.04 23.55 -19.35
C ARG B 163 29.70 22.80 -19.40
N TYR B 164 28.62 23.49 -19.04
CA TYR B 164 27.30 22.87 -19.09
C TYR B 164 26.15 23.86 -19.26
N THR B 165 25.03 23.39 -19.80
CA THR B 165 23.82 24.19 -19.98
C THR B 165 22.60 23.50 -19.35
N ALA B 166 21.49 24.22 -19.23
CA ALA B 166 20.30 23.69 -18.57
N ALA B 172 26.58 29.19 -20.64
CA ALA B 172 27.22 27.98 -20.17
C ALA B 172 28.20 28.24 -19.02
N GLN B 173 27.74 28.02 -17.79
CA GLN B 173 28.60 28.13 -16.60
C GLN B 173 29.13 26.76 -16.25
N ASP B 174 30.24 26.71 -15.51
CA ASP B 174 30.92 25.45 -15.21
C ASP B 174 30.04 24.45 -14.42
N ILE B 175 30.50 23.21 -14.32
CA ILE B 175 29.70 22.11 -13.76
C ILE B 175 29.33 22.30 -12.29
N ARG B 176 28.04 22.51 -12.04
CA ARG B 176 27.57 22.88 -10.70
C ARG B 176 27.09 21.71 -9.81
N LEU B 177 27.10 21.95 -8.50
CA LEU B 177 26.59 20.97 -7.54
C LEU B 177 25.09 21.12 -7.37
N HIS B 178 24.53 20.39 -6.42
CA HIS B 178 23.09 20.44 -6.18
C HIS B 178 22.78 20.88 -4.75
N ASP B 187 24.58 27.56 -7.11
CA ASP B 187 25.58 28.58 -7.42
C ASP B 187 27.01 28.12 -7.11
N THR B 188 27.16 26.87 -6.67
CA THR B 188 28.48 26.26 -6.45
C THR B 188 28.90 25.39 -7.64
N THR B 189 30.11 25.65 -8.15
CA THR B 189 30.56 25.06 -9.41
C THR B 189 32.09 24.82 -9.48
N GLY B 190 32.47 23.56 -9.69
CA GLY B 190 33.87 23.18 -9.82
C GLY B 190 34.40 23.37 -11.22
N ASN B 191 35.71 23.19 -11.38
CA ASN B 191 36.37 23.43 -12.67
C ASN B 191 35.96 22.44 -13.76
N ARG B 192 35.96 21.16 -13.43
CA ARG B 192 35.67 20.09 -14.38
C ARG B 192 35.23 18.81 -13.67
N PHE B 193 34.46 17.98 -14.37
CA PHE B 193 34.06 16.69 -13.83
C PHE B 193 34.74 15.55 -14.59
N ASP B 194 35.52 14.75 -13.88
CA ASP B 194 36.13 13.56 -14.45
C ASP B 194 35.56 12.30 -13.81
N ALA B 195 35.30 11.27 -14.62
CA ALA B 195 34.89 9.97 -14.09
C ALA B 195 35.50 8.86 -14.94
N TYR B 196 35.55 7.66 -14.39
CA TYR B 196 36.12 6.50 -15.09
C TYR B 196 35.29 5.30 -14.71
N GLN B 197 35.01 4.43 -15.69
CA GLN B 197 34.03 3.35 -15.47
C GLN B 197 34.41 1.97 -15.98
N LEU B 198 34.18 0.94 -15.16
CA LEU B 198 34.37 -0.44 -15.58
C LEU B 198 33.10 -1.27 -15.49
N ASP B 199 32.56 -1.63 -16.66
CA ASP B 199 31.41 -2.51 -16.72
C ASP B 199 31.89 -3.88 -17.12
N TYR B 200 31.67 -4.84 -16.24
CA TYR B 200 32.01 -6.22 -16.49
C TYR B 200 30.72 -7.00 -16.55
N GLN B 201 30.35 -7.39 -17.76
CA GLN B 201 29.28 -8.34 -17.94
C GLN B 201 29.87 -9.70 -17.66
N VAL B 202 29.41 -10.34 -16.59
CA VAL B 202 29.91 -11.65 -16.24
C VAL B 202 29.06 -12.72 -16.91
N ASN B 203 27.77 -12.69 -16.63
CA ASN B 203 26.83 -13.62 -17.26
C ASN B 203 25.93 -12.91 -18.24
N ASP B 204 24.97 -13.65 -18.77
CA ASP B 204 23.95 -13.10 -19.63
C ASP B 204 23.00 -12.30 -18.75
N GLY B 205 23.06 -12.56 -17.45
CA GLY B 205 22.18 -11.90 -16.52
C GLY B 205 22.84 -11.41 -15.24
N LEU B 206 24.09 -10.95 -15.34
CA LEU B 206 24.76 -10.33 -14.20
C LEU B 206 25.81 -9.32 -14.61
N LEU B 207 25.66 -8.09 -14.13
CA LEU B 207 26.56 -7.01 -14.52
C LEU B 207 27.24 -6.40 -13.32
N LEU B 208 28.54 -6.32 -13.39
CA LEU B 208 29.28 -5.73 -12.29
C LEU B 208 29.83 -4.37 -12.72
N GLN B 209 29.62 -3.39 -11.86
CA GLN B 209 29.95 -2.03 -12.22
C GLN B 209 30.81 -1.35 -11.18
N TYR B 210 31.98 -0.92 -11.61
CA TYR B 210 32.79 -0.04 -10.80
C TYR B 210 32.89 1.28 -11.51
N ALA B 211 32.76 2.38 -10.78
CA ALA B 211 32.99 3.70 -11.33
C ALA B 211 33.57 4.59 -10.25
N GLN B 212 34.04 5.77 -10.66
CA GLN B 212 34.86 6.60 -9.79
C GLN B 212 35.20 7.90 -10.48
N GLY B 213 35.03 9.01 -9.78
CA GLY B 213 35.29 10.31 -10.35
C GLY B 213 34.99 11.42 -9.36
N GLY B 214 34.63 12.60 -9.87
CA GLY B 214 34.26 13.68 -8.98
C GLY B 214 34.21 15.04 -9.64
N LEU B 215 33.95 16.07 -8.84
CA LEU B 215 34.06 17.43 -9.32
C LEU B 215 35.45 17.94 -8.93
N ARG B 216 35.90 19.01 -9.58
CA ARG B 216 37.22 19.55 -9.32
C ARG B 216 37.28 20.22 -7.97
N ASN B 217 38.07 19.65 -7.06
CA ASN B 217 38.22 20.18 -5.70
C ASN B 217 36.90 20.43 -4.96
N VAL B 218 35.90 19.58 -5.20
CA VAL B 218 34.70 19.54 -4.36
C VAL B 218 34.53 18.15 -3.74
N TYR B 219 34.12 17.17 -4.56
CA TYR B 219 33.88 15.83 -4.05
C TYR B 219 34.51 14.69 -4.85
N ARG B 220 34.96 13.67 -4.12
CA ARG B 220 35.39 12.41 -4.72
C ARG B 220 34.32 11.33 -4.49
N GLN B 221 33.84 10.72 -5.57
CA GLN B 221 32.78 9.73 -5.46
C GLN B 221 33.16 8.37 -6.05
N ARG B 222 33.19 7.35 -5.20
CA ARG B 222 33.45 6.00 -5.68
C ARG B 222 32.13 5.26 -5.79
N TYR B 223 31.89 4.67 -6.95
CA TYR B 223 30.67 3.94 -7.21
C TYR B 223 30.98 2.48 -7.43
N LEU B 224 30.28 1.61 -6.72
CA LEU B 224 30.29 0.21 -7.08
C LEU B 224 28.84 -0.20 -7.23
N GLY B 225 28.59 -1.16 -8.11
CA GLY B 225 27.23 -1.58 -8.38
C GLY B 225 27.14 -2.90 -9.10
N ALA B 226 26.00 -3.56 -8.94
CA ALA B 226 25.82 -4.89 -9.49
C ALA B 226 24.37 -5.08 -9.92
N VAL B 227 24.17 -5.45 -11.17
CA VAL B 227 22.81 -5.60 -11.71
C VAL B 227 22.64 -6.89 -12.51
N GLY B 228 21.56 -7.61 -12.22
CA GLY B 228 21.30 -8.87 -12.89
C GLY B 228 19.84 -9.29 -13.00
N LYS B 229 19.57 -10.19 -13.94
CA LYS B 229 18.22 -10.74 -14.12
C LYS B 229 18.29 -12.22 -14.52
N ARG B 230 17.58 -13.06 -13.76
CA ARG B 230 17.60 -14.50 -14.01
C ARG B 230 16.16 -15.02 -14.14
N GLN B 231 15.97 -16.00 -15.03
CA GLN B 231 14.66 -16.60 -15.22
C GLN B 231 14.28 -17.50 -14.04
N VAL B 232 13.25 -17.11 -13.30
CA VAL B 232 12.81 -17.86 -12.13
C VAL B 232 11.37 -18.35 -12.29
N GLY B 233 11.22 -19.53 -12.89
CA GLY B 233 9.92 -20.08 -13.23
C GLY B 233 9.48 -19.62 -14.60
N ALA B 234 8.18 -19.33 -14.74
CA ALA B 234 7.67 -18.69 -15.95
C ALA B 234 7.66 -17.18 -15.70
N GLY B 235 8.33 -16.79 -14.62
CA GLY B 235 8.51 -15.38 -14.28
C GLY B 235 9.97 -14.99 -14.36
N LYS B 236 10.29 -13.76 -13.96
CA LYS B 236 11.67 -13.27 -14.06
C LYS B 236 12.02 -12.33 -12.91
N LEU B 237 13.16 -12.60 -12.27
CA LEU B 237 13.57 -11.87 -11.07
C LEU B 237 14.73 -10.92 -11.35
N SER B 238 14.75 -9.77 -10.67
CA SER B 238 15.72 -8.72 -10.94
C SER B 238 16.29 -8.07 -9.68
N ALA B 239 17.61 -8.04 -9.55
CA ALA B 239 18.23 -7.39 -8.40
C ALA B 239 19.06 -6.21 -8.86
N ASP B 240 18.96 -5.10 -8.12
CA ASP B 240 19.76 -3.94 -8.45
C ASP B 240 20.44 -3.38 -7.24
N LEU B 241 21.76 -3.58 -7.18
CA LEU B 241 22.55 -3.16 -6.05
C LEU B 241 23.48 -2.03 -6.39
N ARG B 242 23.28 -0.89 -5.72
CA ARG B 242 24.07 0.31 -5.95
C ARG B 242 24.66 0.86 -4.68
N TRP B 243 25.97 1.14 -4.71
CA TRP B 243 26.71 1.67 -3.58
C TRP B 243 27.59 2.87 -3.98
N PHE B 244 27.51 3.97 -3.23
CA PHE B 244 28.28 5.20 -3.51
C PHE B 244 29.06 5.70 -2.30
N ASP B 245 30.38 5.77 -2.42
CA ASP B 245 31.22 6.38 -1.39
C ASP B 245 31.61 7.78 -1.85
N SER B 246 31.35 8.78 -1.01
CA SER B 246 31.48 10.18 -1.44
C SER B 246 32.11 11.09 -0.36
N GLU B 247 33.33 11.54 -0.59
CA GLU B 247 34.04 12.37 0.40
C GLU B 247 34.36 13.76 -0.14
N ASP B 248 34.76 14.67 0.74
CA ASP B 248 35.23 15.97 0.30
C ASP B 248 36.55 15.82 -0.47
N ALA B 249 36.69 16.54 -1.58
CA ALA B 249 37.90 16.44 -2.39
C ALA B 249 38.55 17.81 -2.57
N GLY B 250 39.88 17.85 -2.56
CA GLY B 250 40.62 19.07 -2.83
C GLY B 250 40.28 20.26 -1.96
N ALA B 251 39.95 21.38 -2.60
CA ALA B 251 39.65 22.62 -1.91
C ALA B 251 38.45 22.52 -0.99
N ALA B 252 37.64 21.49 -1.20
CA ALA B 252 36.41 21.27 -0.45
C ALA B 252 35.57 22.53 -0.41
N ARG B 253 35.24 23.06 -1.59
CA ARG B 253 34.37 24.23 -1.68
C ARG B 253 32.93 23.86 -1.35
N ALA B 254 32.76 22.86 -0.49
CA ALA B 254 31.45 22.33 -0.13
C ALA B 254 30.90 22.73 1.26
N GLY B 255 31.62 22.44 2.36
CA GLY B 255 33.00 21.97 2.37
C GLY B 255 33.20 20.54 2.79
N LYS B 256 32.95 20.26 4.06
CA LYS B 256 33.09 18.91 4.58
C LYS B 256 31.95 18.05 4.08
N ILE B 257 32.31 16.94 3.43
CA ILE B 257 31.34 16.01 2.88
C ILE B 257 31.72 14.57 3.25
N ASP B 258 30.77 13.83 3.77
CA ASP B 258 30.98 12.41 3.99
C ASP B 258 29.65 11.67 3.88
N ASN B 259 29.63 10.64 3.04
CA ASN B 259 28.42 9.85 2.85
C ASN B 259 28.62 8.54 2.11
N ARG B 260 28.02 7.47 2.64
CA ARG B 260 27.83 6.27 1.85
C ARG B 260 26.33 6.12 1.54
N ALA B 261 26.03 5.68 0.34
CA ALA B 261 24.67 5.49 -0.08
C ALA B 261 24.51 4.06 -0.58
N LEU B 262 23.66 3.29 0.05
CA LEU B 262 23.36 1.96 -0.45
C LEU B 262 21.92 1.94 -0.95
N SER B 263 21.67 1.19 -2.01
CA SER B 263 20.31 1.06 -2.52
C SER B 263 20.14 -0.30 -3.15
N LEU B 264 19.05 -0.95 -2.80
CA LEU B 264 18.77 -2.24 -3.36
C LEU B 264 17.32 -2.29 -3.79
N LEU B 265 17.11 -2.74 -5.01
CA LEU B 265 15.78 -2.85 -5.55
C LEU B 265 15.57 -4.23 -6.15
N LEU B 266 14.57 -4.92 -5.64
CA LEU B 266 14.25 -6.25 -6.13
C LEU B 266 12.92 -6.23 -6.84
N ALA B 267 12.87 -6.88 -8.01
CA ALA B 267 11.65 -6.91 -8.81
C ALA B 267 11.33 -8.33 -9.28
N TYR B 268 10.05 -8.66 -9.29
CA TYR B 268 9.58 -9.93 -9.83
C TYR B 268 8.59 -9.66 -10.95
N ALA B 269 8.79 -10.34 -12.08
CA ALA B 269 7.99 -10.09 -13.26
C ALA B 269 7.50 -11.38 -13.88
N GLN B 270 6.19 -11.53 -13.95
CA GLN B 270 5.57 -12.66 -14.62
C GLN B 270 4.30 -12.16 -15.27
N GLY B 271 3.98 -12.69 -16.44
CA GLY B 271 2.89 -12.15 -17.24
C GLY B 271 3.13 -10.67 -17.46
N GLY B 272 2.06 -9.89 -17.52
CA GLY B 272 2.19 -8.46 -17.69
C GLY B 272 2.49 -7.76 -16.39
N HIS B 273 2.78 -8.54 -15.35
CA HIS B 273 2.85 -8.04 -13.98
C HIS B 273 4.24 -7.90 -13.40
N THR B 274 4.43 -6.84 -12.60
CA THR B 274 5.70 -6.59 -11.92
C THR B 274 5.57 -6.02 -10.51
N LEU B 275 6.11 -6.74 -9.54
CA LEU B 275 6.12 -6.30 -8.15
C LEU B 275 7.55 -5.99 -7.69
N SER B 276 7.73 -4.85 -7.04
CA SER B 276 9.08 -4.37 -6.79
C SER B 276 9.26 -3.84 -5.39
N ALA B 277 10.31 -4.30 -4.73
CA ALA B 277 10.60 -3.87 -3.38
C ALA B 277 11.98 -3.21 -3.36
N GLY B 278 12.14 -2.18 -2.55
CA GLY B 278 13.37 -1.42 -2.58
C GLY B 278 13.80 -0.90 -1.23
N TRP B 279 15.11 -0.74 -1.05
CA TRP B 279 15.66 -0.27 0.23
C TRP B 279 16.86 0.64 0.00
N GLN B 280 17.06 1.60 0.89
CA GLN B 280 18.08 2.64 0.70
C GLN B 280 18.50 3.25 2.06
N ARG B 281 19.79 3.19 2.37
CA ARG B 281 20.28 3.83 3.59
C ARG B 281 21.38 4.86 3.31
N MET B 282 21.32 5.97 4.03
CA MET B 282 22.40 6.93 4.09
C MET B 282 23.16 6.74 5.39
N ASN B 283 24.41 7.17 5.38
CA ASN B 283 25.25 7.11 6.56
C ASN B 283 26.19 8.31 6.49
N GLY B 284 26.77 8.67 7.63
CA GLY B 284 27.70 9.78 7.64
C GLY B 284 27.01 11.12 7.63
N ALA B 285 27.81 12.19 7.74
CA ALA B 285 27.32 13.55 8.00
C ALA B 285 26.43 14.15 6.91
N SER B 286 26.94 14.19 5.68
CA SER B 286 26.20 14.83 4.60
C SER B 286 25.34 13.84 3.81
N SER B 287 24.51 14.38 2.92
CA SER B 287 23.74 13.59 1.97
C SER B 287 24.66 13.07 0.86
N MET B 288 24.09 12.40 -0.12
CA MET B 288 24.86 12.02 -1.31
C MET B 288 24.90 13.17 -2.32
N PRO B 289 26.11 13.54 -2.78
CA PRO B 289 26.30 14.64 -3.72
C PRO B 289 26.16 14.23 -5.20
N TYR B 290 25.62 15.14 -6.01
CA TYR B 290 25.44 14.87 -7.43
C TYR B 290 25.17 16.18 -8.18
N LEU B 291 25.51 16.21 -9.46
CA LEU B 291 25.52 17.47 -10.20
C LEU B 291 24.12 18.00 -10.52
N ASP B 292 23.99 19.32 -10.60
CA ASP B 292 22.74 19.93 -11.02
C ASP B 292 22.51 19.58 -12.49
N GLY B 293 21.29 19.19 -12.84
CA GLY B 293 21.01 18.69 -14.18
C GLY B 293 21.11 17.17 -14.25
N SER B 294 21.07 16.53 -13.08
CA SER B 294 21.18 15.07 -12.99
C SER B 294 20.27 14.50 -11.92
N ASN B 295 20.01 13.20 -11.98
CA ASN B 295 19.29 12.54 -10.89
C ASN B 295 20.25 11.62 -10.16
N PRO B 296 20.07 11.49 -8.83
CA PRO B 296 20.86 10.48 -8.13
C PRO B 296 20.44 9.07 -8.60
N TYR B 297 21.44 8.25 -8.87
CA TYR B 297 21.19 6.91 -9.37
C TYR B 297 20.82 5.99 -8.21
N LEU B 298 19.63 6.20 -7.66
CA LEU B 298 19.20 5.50 -6.46
C LEU B 298 17.86 4.79 -6.67
N ALA B 299 17.62 3.74 -5.88
CA ALA B 299 16.39 2.97 -5.97
C ALA B 299 15.18 3.80 -5.56
N ASN B 300 15.34 4.63 -4.53
CA ASN B 300 14.24 5.46 -4.05
C ASN B 300 14.32 6.88 -4.55
N TYR B 301 14.73 7.04 -5.81
CA TYR B 301 14.59 8.34 -6.43
C TYR B 301 13.28 8.41 -7.18
N LEU B 302 12.36 9.19 -6.63
CA LEU B 302 11.00 9.29 -7.15
C LEU B 302 10.76 10.61 -7.89
N GLN B 303 9.53 10.77 -8.39
CA GLN B 303 9.11 11.93 -9.17
C GLN B 303 9.39 13.31 -8.52
N VAL B 304 9.42 13.38 -7.19
CA VAL B 304 9.63 14.66 -6.53
C VAL B 304 10.81 14.67 -5.56
N ASN B 305 10.95 13.60 -4.79
CA ASN B 305 11.97 13.53 -3.74
C ASN B 305 12.96 12.39 -4.00
N ASP B 306 14.19 12.54 -3.50
CA ASP B 306 15.27 11.58 -3.76
C ASP B 306 15.54 10.61 -2.61
N PHE B 307 15.08 11.02 -1.42
CA PHE B 307 15.24 10.25 -0.17
C PHE B 307 16.69 10.04 0.19
N ALA B 308 17.50 11.05 -0.09
CA ALA B 308 18.93 10.93 0.03
C ALA B 308 19.48 11.85 1.12
N ASN B 309 18.59 12.48 1.88
CA ASN B 309 18.99 13.33 3.02
C ASN B 309 19.84 12.60 4.09
N PRO B 310 20.53 13.35 4.98
CA PRO B 310 21.52 12.68 5.84
C PRO B 310 20.99 11.58 6.76
N GLU B 311 21.75 10.50 6.91
CA GLU B 311 21.42 9.40 7.83
C GLU B 311 20.12 8.66 7.49
N GLU B 312 19.43 9.14 6.46
CA GLU B 312 18.09 8.67 6.11
C GLU B 312 18.01 7.23 5.63
N ARG B 313 17.01 6.52 6.16
CA ARG B 313 16.69 5.17 5.73
C ARG B 313 15.30 5.22 5.11
N SER B 314 15.06 4.38 4.11
CA SER B 314 13.82 4.41 3.35
C SER B 314 13.56 3.07 2.67
N TRP B 315 12.29 2.71 2.50
CA TRP B 315 11.93 1.52 1.73
C TRP B 315 10.90 1.86 0.66
N GLN B 316 10.90 1.10 -0.43
CA GLN B 316 9.96 1.33 -1.52
C GLN B 316 9.20 0.06 -1.88
N LEU B 317 7.90 0.20 -2.07
CA LEU B 317 7.17 -0.87 -2.71
C LEU B 317 6.58 -0.29 -3.97
N ARG B 318 6.50 -1.11 -5.00
CA ARG B 318 6.10 -0.64 -6.32
C ARG B 318 5.49 -1.79 -7.11
N TYR B 319 4.47 -1.45 -7.88
CA TYR B 319 3.74 -2.41 -8.69
C TYR B 319 3.65 -1.93 -10.15
N ASP B 320 4.00 -2.80 -11.08
CA ASP B 320 3.93 -2.47 -12.50
C ASP B 320 3.00 -3.45 -13.21
N PHE B 321 2.35 -2.98 -14.28
CA PHE B 321 1.33 -3.77 -14.94
C PHE B 321 1.08 -3.31 -16.38
N ASP B 322 1.50 -4.13 -17.34
CA ASP B 322 1.30 -3.86 -18.76
C ASP B 322 0.17 -4.73 -19.31
N LEU B 323 -1.04 -4.19 -19.34
CA LEU B 323 -2.17 -4.95 -19.85
C LEU B 323 -2.14 -5.09 -21.38
N ARG B 324 -0.98 -5.52 -21.91
CA ARG B 324 -0.87 -6.04 -23.26
C ARG B 324 -1.18 -7.54 -23.22
N SER B 325 -1.51 -7.99 -22.01
CA SER B 325 -1.99 -9.35 -21.75
C SER B 325 -3.50 -9.30 -21.49
N VAL B 326 -3.99 -8.12 -21.13
CA VAL B 326 -5.41 -7.92 -20.85
C VAL B 326 -6.18 -7.56 -22.12
N GLY B 327 -5.50 -7.51 -23.26
CA GLY B 327 -6.15 -7.22 -24.53
C GLY B 327 -5.98 -5.80 -25.04
N VAL B 328 -5.46 -4.90 -24.20
CA VAL B 328 -5.17 -3.51 -24.59
C VAL B 328 -3.67 -3.24 -24.62
N PRO B 329 -2.98 -3.65 -25.69
CA PRO B 329 -1.53 -3.42 -25.79
C PRO B 329 -1.21 -1.95 -26.02
N GLY B 330 -0.15 -1.47 -25.39
CA GLY B 330 0.24 -0.07 -25.50
C GLY B 330 -0.27 0.76 -24.32
N LEU B 331 -0.81 0.08 -23.32
CA LEU B 331 -1.31 0.75 -22.15
C LEU B 331 -0.67 0.14 -20.91
N SER B 332 -0.17 1.00 -20.02
CA SER B 332 0.66 0.55 -18.90
C SER B 332 0.28 1.24 -17.58
N PHE B 333 0.39 0.49 -16.48
CA PHE B 333 0.11 1.05 -15.16
C PHE B 333 1.17 0.77 -14.08
N MET B 334 1.65 1.86 -13.46
CA MET B 334 2.58 1.78 -12.35
C MET B 334 2.12 2.66 -11.17
N THR B 335 2.25 2.12 -9.96
CA THR B 335 2.15 2.91 -8.73
C THR B 335 3.32 2.56 -7.81
N ARG B 336 3.77 3.52 -7.00
CA ARG B 336 4.89 3.26 -6.11
C ARG B 336 4.86 4.14 -4.88
N TYR B 337 5.21 3.54 -3.75
CA TYR B 337 5.22 4.21 -2.46
C TYR B 337 6.60 4.10 -1.80
N VAL B 338 7.02 5.19 -1.15
CA VAL B 338 8.25 5.20 -0.38
C VAL B 338 8.04 5.91 0.94
N ASN B 339 8.46 5.27 2.02
CA ASN B 339 8.39 5.88 3.35
C ASN B 339 9.81 6.00 3.88
N GLY B 340 10.19 7.20 4.33
CA GLY B 340 11.54 7.46 4.82
C GLY B 340 11.62 8.13 6.19
N ASP B 341 12.67 7.79 6.95
CA ASP B 341 12.89 8.35 8.28
C ASP B 341 14.37 8.42 8.64
N HIS B 342 14.66 8.56 9.93
CA HIS B 342 16.02 8.66 10.47
C HIS B 342 16.81 9.87 9.99
N ILE B 343 16.14 10.83 9.39
CA ILE B 343 16.82 11.99 8.83
C ILE B 343 17.29 12.96 9.91
N ARG B 344 18.61 13.01 10.13
CA ARG B 344 19.18 13.90 11.15
C ARG B 344 19.03 15.37 10.75
N LEU B 345 18.04 16.03 11.37
CA LEU B 345 17.78 17.44 11.07
C LEU B 345 18.77 18.36 11.79
N ALA B 346 18.94 19.56 11.24
CA ALA B 346 19.68 20.61 11.91
C ALA B 346 19.05 20.86 13.28
N ASN B 347 19.72 20.33 14.31
CA ASN B 347 19.38 20.42 15.75
C ASN B 347 19.59 19.08 16.42
N GLY B 348 19.13 18.02 15.74
CA GLY B 348 19.21 16.68 16.27
C GLY B 348 17.89 15.93 16.15
N ASP B 349 16.79 16.68 16.04
CA ASP B 349 15.47 16.09 15.85
C ASP B 349 15.45 15.22 14.59
N GLU B 350 14.57 14.24 14.56
CA GLU B 350 14.45 13.32 13.43
C GLU B 350 13.32 13.72 12.47
N GLY B 351 13.50 13.42 11.18
CA GLY B 351 12.49 13.70 10.19
C GLY B 351 11.96 12.46 9.50
N LYS B 352 10.72 12.53 9.07
CA LYS B 352 10.13 11.48 8.27
C LYS B 352 9.54 12.14 7.05
N GLU B 353 9.31 11.34 6.02
CA GLU B 353 8.69 11.84 4.81
C GLU B 353 8.23 10.63 4.04
N TRP B 354 7.41 10.87 3.04
CA TRP B 354 6.98 9.77 2.19
C TRP B 354 6.51 10.31 0.86
N GLU B 355 6.18 9.41 -0.06
CA GLU B 355 5.68 9.79 -1.37
C GLU B 355 4.96 8.61 -2.03
N ARG B 356 3.79 8.89 -2.61
CA ARG B 356 3.11 7.91 -3.45
C ARG B 356 3.08 8.46 -4.87
N ASP B 357 3.26 7.58 -5.85
CA ASP B 357 3.28 7.97 -7.26
C ASP B 357 2.38 7.06 -8.09
N ILE B 358 1.65 7.63 -9.06
CA ILE B 358 0.84 6.85 -9.98
C ILE B 358 1.17 7.19 -11.45
N GLU B 359 1.15 6.17 -12.29
CA GLU B 359 1.49 6.35 -13.69
C GLU B 359 0.62 5.51 -14.64
N LEU B 360 0.32 6.16 -15.76
CA LEU B 360 -0.50 5.62 -16.82
C LEU B 360 0.12 6.11 -18.11
N LYS B 361 0.36 5.20 -19.05
CA LYS B 361 0.96 5.58 -20.30
C LYS B 361 0.19 4.93 -21.43
N TYR B 362 -0.03 5.69 -22.49
CA TYR B 362 -0.64 5.15 -23.70
C TYR B 362 0.06 5.61 -24.99
N ILE B 363 0.63 4.65 -25.68
CA ILE B 363 1.19 4.85 -27.02
C ILE B 363 0.26 4.14 -28.01
N VAL B 364 -0.36 4.93 -28.87
CA VAL B 364 -1.32 4.40 -29.83
C VAL B 364 -0.66 3.41 -30.81
N GLN B 365 -1.36 2.32 -31.12
CA GLN B 365 -0.81 1.18 -31.86
C GLN B 365 -1.09 1.16 -33.38
N SER B 366 -1.82 2.16 -33.87
CA SER B 366 -2.17 2.24 -35.29
C SER B 366 -2.65 3.62 -35.71
N GLY B 367 -2.63 3.89 -37.02
CA GLY B 367 -3.20 5.12 -37.56
C GLY B 367 -2.21 6.20 -37.94
N ARG B 368 -2.73 7.39 -38.27
CA ARG B 368 -1.91 8.54 -38.60
C ARG B 368 -1.48 9.28 -37.33
N PHE B 369 -1.74 8.67 -36.19
CA PHE B 369 -1.33 9.24 -34.91
C PHE B 369 -0.50 8.23 -34.11
N LYS B 370 -0.10 7.14 -34.76
CA LYS B 370 0.58 6.01 -34.09
C LYS B 370 2.02 6.26 -33.65
N ASP B 371 2.43 5.52 -32.62
CA ASP B 371 3.74 5.65 -31.98
C ASP B 371 3.84 6.88 -31.06
N LEU B 372 2.82 7.74 -31.11
CA LEU B 372 2.73 8.90 -30.22
C LEU B 372 2.22 8.50 -28.84
N SER B 373 2.99 8.78 -27.79
CA SER B 373 2.70 8.26 -26.46
C SER B 373 1.99 9.27 -25.54
N LEU B 374 1.11 8.76 -24.68
CA LEU B 374 0.44 9.60 -23.71
C LEU B 374 0.66 9.04 -22.32
N ARG B 375 1.58 9.63 -21.57
CA ARG B 375 1.85 9.14 -20.22
C ARG B 375 1.38 10.16 -19.21
N LEU B 376 1.03 9.64 -18.04
CA LEU B 376 0.40 10.42 -17.00
C LEU B 376 1.05 10.13 -15.66
N ARG B 377 1.87 11.07 -15.21
CA ARG B 377 2.64 10.88 -14.01
C ARG B 377 2.07 11.73 -12.91
N ASN B 378 1.62 11.07 -11.83
CA ASN B 378 1.07 11.75 -10.66
C ASN B 378 1.86 11.44 -9.39
N ALA B 379 2.33 12.51 -8.75
CA ALA B 379 3.09 12.40 -7.52
C ALA B 379 2.34 12.99 -6.33
N THR B 380 2.62 12.46 -5.15
CA THR B 380 2.02 12.87 -3.89
C THR B 380 3.11 12.76 -2.84
N TYR B 381 3.54 13.89 -2.29
CA TYR B 381 4.69 13.88 -1.41
C TYR B 381 4.47 14.60 -0.09
N ARG B 382 4.64 13.89 1.02
CA ARG B 382 4.41 14.46 2.35
C ARG B 382 5.61 14.27 3.28
N THR B 383 5.58 14.98 4.41
CA THR B 383 6.73 15.02 5.31
C THR B 383 6.32 15.60 6.66
N ASP B 384 7.21 15.52 7.65
CA ASP B 384 6.89 16.06 8.97
C ASP B 384 7.61 17.38 9.31
N PHE B 385 8.33 17.96 8.35
CA PHE B 385 9.10 19.18 8.64
C PHE B 385 8.97 20.27 7.58
N ARG B 390 7.57 22.28 3.68
CA ARG B 390 7.64 21.83 2.29
C ARG B 390 6.74 20.64 2.10
N ASP B 391 6.09 20.55 0.95
CA ASP B 391 5.18 19.46 0.57
C ASP B 391 4.55 19.70 -0.81
N VAL B 392 4.13 18.63 -1.50
CA VAL B 392 3.59 18.76 -2.87
C VAL B 392 2.62 17.67 -3.32
N ASP B 393 1.60 18.10 -4.06
CA ASP B 393 0.87 17.24 -4.98
C ASP B 393 1.32 17.64 -6.39
N GLU B 394 1.74 16.68 -7.20
CA GLU B 394 2.21 17.01 -8.53
C GLU B 394 1.72 16.06 -9.62
N VAL B 395 1.14 16.65 -10.66
CA VAL B 395 0.74 15.90 -11.84
C VAL B 395 1.54 16.39 -13.06
N ARG B 396 1.85 15.46 -13.97
CA ARG B 396 2.43 15.79 -15.27
C ARG B 396 1.77 14.97 -16.38
N LEU B 397 1.24 15.66 -17.38
CA LEU B 397 0.67 15.02 -18.53
C LEU B 397 1.76 15.09 -19.59
N ILE B 398 2.04 13.98 -20.25
CA ILE B 398 3.01 14.02 -21.33
C ILE B 398 2.52 13.31 -22.57
N ALA B 399 2.73 13.98 -23.71
CA ALA B 399 2.45 13.40 -25.00
C ALA B 399 3.66 13.68 -25.88
N SER B 400 4.25 12.63 -26.43
CA SER B 400 5.44 12.82 -27.23
C SER B 400 5.43 12.04 -28.55
N TYR B 401 6.25 12.53 -29.48
CA TYR B 401 6.46 11.88 -30.75
C TYR B 401 7.90 12.18 -31.12
N ASN B 402 8.58 11.22 -31.73
CA ASN B 402 9.95 11.42 -32.16
C ASN B 402 10.21 10.84 -33.53
CA LEU B 403 9.89 10.99 -36.65
C LEU B 403 11.36 10.58 -36.48
N SER B 404 11.66 9.35 -36.87
CA SER B 404 13.02 9.03 -37.25
C SER B 404 13.12 9.63 -38.63
N LEU B 405 13.98 10.63 -38.79
CA LEU B 405 14.45 10.98 -40.12
C LEU B 405 15.41 9.85 -40.38
N PHE B 406 15.02 8.90 -41.23
CA PHE B 406 15.73 7.63 -41.29
C PHE B 406 17.03 7.66 -42.08
#